data_5U5G
#
_entry.id   5U5G
#
_cell.length_a   46.076
_cell.length_b   87.369
_cell.length_c   164.011
_cell.angle_alpha   90.00
_cell.angle_beta   92.04
_cell.angle_gamma   90.00
#
_symmetry.space_group_name_H-M   'P 1 21 1'
#
loop_
_entity.id
_entity.type
_entity.pdbx_description
1 polymer '6-phosphogluconate dehydrogenase'
2 non-polymer 'NADP NICOTINAMIDE-ADENINE-DINUCLEOTIDE PHOSPHATE'
3 non-polymer '(2-oxopropyl)phosphonic acid'
4 non-polymer 'TRIETHYLENE GLYCOL'
5 water water
#
_entity_poly.entity_id   1
_entity_poly.type   'polypeptide(L)'
_entity_poly.pdbx_seq_one_letter_code
;MNRVVGFIGLGRMGQAICRRLLASQMPVHVHNRSREKADDLIRQGAVWAPDIVALTRAARVLFVCTAGSEAVQDFYHAPD
RGLLACLEVGDIVVDLSTIAPETAEGLHAAFAQQGADYIECPVSGGVEGALAGILSAIVSGRPEAYGLIRPLLEVFCATV
TYVPEPGKAQRLKILNNLAESINLAGAIEVISQGLSQGLDLKSMADVFTSCRGRSAYMDVALGYALSGGASSNVSLGVRC
KDLELARRRLPQDQSYPFSTLAMTTFDTVRQACGEESDQCQYFSVLSHNKAWKAS
;
_entity_poly.pdbx_strand_id   A,B,C,D
#
loop_
_chem_comp.id
_chem_comp.type
_chem_comp.name
_chem_comp.formula
7VD non-polymer '(2-oxopropyl)phosphonic acid' 'C3 H7 O4 P'
NAP non-polymer 'NADP NICOTINAMIDE-ADENINE-DINUCLEOTIDE PHOSPHATE' 'C21 H28 N7 O17 P3'
PGE non-polymer 'TRIETHYLENE GLYCOL' 'C6 H14 O4'
#
# COMPACT_ATOMS: atom_id res chain seq x y z
N ARG A 3 43.50 20.46 63.20
CA ARG A 3 44.37 19.28 63.18
C ARG A 3 45.26 19.26 61.94
N VAL A 4 46.58 19.22 62.15
CA VAL A 4 47.53 19.31 61.06
C VAL A 4 47.63 17.98 60.33
N VAL A 5 47.53 18.01 59.01
CA VAL A 5 47.73 16.83 58.16
C VAL A 5 48.96 17.05 57.29
N GLY A 6 49.74 15.97 57.07
CA GLY A 6 50.86 16.00 56.17
C GLY A 6 50.51 15.44 54.80
N PHE A 7 51.33 15.77 53.79
CA PHE A 7 51.08 15.29 52.43
C PHE A 7 52.40 15.16 51.70
N ILE A 8 52.69 13.96 51.19
CA ILE A 8 53.91 13.66 50.45
C ILE A 8 53.53 13.30 49.02
N GLY A 9 54.13 13.99 48.05
CA GLY A 9 53.87 13.68 46.67
C GLY A 9 53.01 14.76 46.05
N LEU A 10 53.65 15.71 45.41
CA LEU A 10 52.93 16.85 44.86
C LEU A 10 52.94 16.74 43.35
N GLY A 11 52.59 15.59 42.83
CA GLY A 11 52.36 15.42 41.42
C GLY A 11 51.01 15.96 41.04
N ARG A 12 50.54 15.55 39.87
CA ARG A 12 49.27 16.04 39.36
C ARG A 12 48.14 15.79 40.36
N MET A 13 47.98 14.55 40.78
CA MET A 13 46.90 14.22 41.71
C MET A 13 47.17 14.75 43.10
N GLY A 14 48.42 14.65 43.57
CA GLY A 14 48.75 15.14 44.91
C GLY A 14 48.46 16.62 45.08
N GLN A 15 48.96 17.44 44.15
CA GLN A 15 48.65 18.87 44.15
C GLN A 15 47.15 19.12 44.21
N ALA A 16 46.37 18.41 43.40
CA ALA A 16 44.92 18.67 43.36
C ALA A 16 44.25 18.30 44.67
N ILE A 17 44.60 17.16 45.25
CA ILE A 17 44.03 16.80 46.55
C ILE A 17 44.46 17.81 47.61
N CYS A 18 45.72 18.24 47.59
CA CYS A 18 46.17 19.27 48.53
C CYS A 18 45.35 20.56 48.39
N ARG A 19 45.11 21.01 47.15
CA ARG A 19 44.30 22.22 46.97
C ARG A 19 42.92 22.06 47.59
N ARG A 20 42.31 20.88 47.43
CA ARG A 20 41.00 20.64 48.03
C ARG A 20 41.07 20.68 49.55
N LEU A 21 42.12 20.09 50.14
CA LEU A 21 42.25 20.14 51.59
C LEU A 21 42.44 21.57 52.07
N LEU A 22 43.32 22.33 51.40
CA LEU A 22 43.48 23.75 51.75
C LEU A 22 42.15 24.49 51.63
N ALA A 23 41.34 24.16 50.62
CA ALA A 23 40.10 24.87 50.39
C ALA A 23 39.09 24.66 51.51
N SER A 24 39.18 23.54 52.24
CA SER A 24 38.35 23.32 53.41
C SER A 24 38.97 23.89 54.67
N GLN A 25 40.11 24.58 54.55
CA GLN A 25 40.80 25.24 55.65
C GLN A 25 41.44 24.25 56.61
N MET A 26 41.81 23.10 56.09
CA MET A 26 42.71 22.19 56.81
C MET A 26 44.13 22.73 56.77
N PRO A 27 44.84 22.78 57.90
CA PRO A 27 46.27 23.08 57.85
C PRO A 27 47.02 21.90 57.24
N VAL A 28 47.82 22.17 56.21
CA VAL A 28 48.48 21.10 55.46
C VAL A 28 49.97 21.41 55.36
N HIS A 29 50.78 20.46 55.80
CA HIS A 29 52.23 20.50 55.60
C HIS A 29 52.59 19.57 54.45
N VAL A 30 53.38 20.06 53.52
CA VAL A 30 53.58 19.34 52.26
C VAL A 30 55.07 19.10 52.05
N HIS A 31 55.37 17.96 51.43
CA HIS A 31 56.70 17.57 51.04
C HIS A 31 56.68 16.95 49.65
N ASN A 32 57.69 17.28 48.85
CA ASN A 32 57.89 16.65 47.55
C ASN A 32 59.37 16.65 47.26
N ARG A 33 59.83 15.62 46.54
CA ARG A 33 61.21 15.57 46.08
C ARG A 33 61.58 16.82 45.31
N SER A 34 60.69 17.28 44.42
CA SER A 34 60.91 18.48 43.61
C SER A 34 60.16 19.63 44.26
N ARG A 35 60.90 20.53 44.91
CA ARG A 35 60.22 21.49 45.79
C ARG A 35 59.44 22.56 45.02
N GLU A 36 59.72 22.78 43.73
CA GLU A 36 58.98 23.82 43.01
C GLU A 36 57.50 23.48 42.87
N LYS A 37 57.13 22.20 42.93
CA LYS A 37 55.72 21.81 42.84
C LYS A 37 54.94 22.17 44.11
N ALA A 38 55.63 22.58 45.17
CA ALA A 38 54.96 23.08 46.36
C ALA A 38 54.70 24.58 46.32
N ASP A 39 55.26 25.30 45.35
CA ASP A 39 55.27 26.77 45.41
C ASP A 39 53.85 27.33 45.41
N ASP A 40 53.00 26.88 44.48
CA ASP A 40 51.63 27.39 44.45
C ASP A 40 50.85 27.00 45.70
N LEU A 41 51.03 25.76 46.17
CA LEU A 41 50.39 25.33 47.42
C LEU A 41 50.83 26.20 48.60
N ILE A 42 52.12 26.53 48.66
CA ILE A 42 52.62 27.39 49.74
C ILE A 42 51.98 28.77 49.66
N ARG A 43 51.96 29.35 48.45
CA ARG A 43 51.27 30.61 48.24
C ARG A 43 49.83 30.56 48.74
N GLN A 44 49.20 29.39 48.68
CA GLN A 44 47.81 29.24 49.10
C GLN A 44 47.65 28.74 50.53
N GLY A 45 48.71 28.76 51.33
CA GLY A 45 48.60 28.46 52.74
C GLY A 45 49.26 27.19 53.23
N ALA A 46 49.75 26.31 52.34
CA ALA A 46 50.44 25.12 52.83
C ALA A 46 51.80 25.49 53.42
N VAL A 47 52.32 24.60 54.26
CA VAL A 47 53.61 24.79 54.94
C VAL A 47 54.61 23.77 54.39
N TRP A 48 55.77 24.27 53.93
CA TRP A 48 56.78 23.38 53.38
C TRP A 48 57.47 22.58 54.47
N ALA A 49 57.55 21.26 54.28
CA ALA A 49 58.39 20.37 55.08
C ALA A 49 59.55 19.92 54.21
N PRO A 50 60.82 20.18 54.56
CA PRO A 50 61.93 19.79 53.68
C PRO A 50 62.25 18.30 53.73
N ASP A 51 61.74 17.56 54.71
CA ASP A 51 62.00 16.13 54.79
C ASP A 51 60.93 15.50 55.66
N ILE A 52 60.99 14.17 55.76
CA ILE A 52 59.97 13.38 56.44
C ILE A 52 60.04 13.57 57.94
N VAL A 53 61.24 13.85 58.47
CA VAL A 53 61.38 14.16 59.89
C VAL A 53 60.54 15.39 60.25
N ALA A 54 60.74 16.48 59.50
CA ALA A 54 60.00 17.70 59.78
C ALA A 54 58.50 17.47 59.61
N LEU A 55 58.11 16.69 58.61
CA LEU A 55 56.69 16.49 58.38
C LEU A 55 56.07 15.70 59.54
N THR A 56 56.69 14.60 59.95
CA THR A 56 56.14 13.77 61.01
C THR A 56 56.15 14.48 62.36
N ARG A 57 57.04 15.46 62.57
CA ARG A 57 56.98 16.22 63.81
C ARG A 57 55.66 16.97 63.91
N ALA A 58 55.21 17.53 62.79
CA ALA A 58 54.03 18.37 62.79
C ALA A 58 52.72 17.58 62.70
N ALA A 59 52.74 16.42 62.04
CA ALA A 59 51.49 15.81 61.65
C ALA A 59 51.43 14.35 62.08
N ARG A 60 50.32 13.97 62.69
CA ARG A 60 50.09 12.60 63.12
C ARG A 60 49.30 11.79 62.10
N VAL A 61 48.72 12.45 61.09
CA VAL A 61 48.12 11.80 59.93
C VAL A 61 48.78 12.37 58.69
N LEU A 62 49.24 11.49 57.79
CA LEU A 62 49.90 11.89 56.55
C LEU A 62 49.24 11.21 55.36
N PHE A 63 49.17 11.92 54.24
CA PHE A 63 48.80 11.33 52.96
C PHE A 63 50.04 11.15 52.10
N VAL A 64 50.02 10.10 51.28
CA VAL A 64 51.07 9.79 50.33
C VAL A 64 50.42 9.66 48.95
N CYS A 65 50.97 10.35 47.94
CA CYS A 65 50.42 10.25 46.59
C CYS A 65 51.58 10.36 45.60
N THR A 66 52.26 9.24 45.38
CA THR A 66 53.44 9.17 44.52
C THR A 66 53.19 8.14 43.44
N ALA A 67 54.10 8.07 42.48
CA ALA A 67 54.01 7.11 41.39
C ALA A 67 55.27 6.26 41.36
N GLY A 68 55.10 4.94 41.33
CA GLY A 68 56.21 4.05 41.11
C GLY A 68 56.72 3.39 42.39
N SER A 69 57.38 2.24 42.21
CA SER A 69 57.85 1.46 43.35
C SER A 69 59.10 2.06 43.98
N GLU A 70 59.91 2.81 43.20
CA GLU A 70 61.07 3.43 43.80
C GLU A 70 60.66 4.47 44.85
N ALA A 71 59.56 5.19 44.61
CA ALA A 71 59.09 6.16 45.60
C ALA A 71 58.59 5.46 46.86
N VAL A 72 57.94 4.30 46.70
CA VAL A 72 57.57 3.48 47.86
C VAL A 72 58.81 3.18 48.69
N GLN A 73 59.85 2.65 48.04
CA GLN A 73 61.06 2.26 48.74
C GLN A 73 61.69 3.45 49.44
N ASP A 74 61.88 4.56 48.71
CA ASP A 74 62.57 5.71 49.28
C ASP A 74 61.80 6.31 50.46
N PHE A 75 60.49 6.56 50.29
CA PHE A 75 59.76 7.28 51.32
C PHE A 75 59.48 6.41 52.54
N TYR A 76 59.16 5.13 52.34
CA TYR A 76 58.85 4.28 53.48
C TYR A 76 60.08 3.65 54.13
N HIS A 77 61.09 3.25 53.36
CA HIS A 77 62.12 2.38 53.93
C HIS A 77 63.50 2.99 54.06
N ALA A 78 63.74 4.20 53.56
CA ALA A 78 65.03 4.83 53.78
C ALA A 78 65.38 4.77 55.26
N PRO A 79 66.55 4.25 55.64
CA PRO A 79 66.88 4.14 57.06
C PRO A 79 66.98 5.52 57.71
N ASP A 80 66.48 5.61 58.94
CA ASP A 80 66.47 6.83 59.76
C ASP A 80 65.60 7.94 59.17
N ARG A 81 65.71 8.22 57.87
CA ARG A 81 65.00 9.35 57.27
C ARG A 81 63.58 9.02 56.81
N GLY A 82 63.27 7.75 56.57
CA GLY A 82 62.01 7.41 55.95
C GLY A 82 60.86 7.36 56.93
N LEU A 83 59.67 7.05 56.38
CA LEU A 83 58.44 7.10 57.15
C LEU A 83 58.45 6.10 58.31
N LEU A 84 58.79 4.83 58.02
CA LEU A 84 58.75 3.81 59.06
C LEU A 84 59.67 4.16 60.22
N ALA A 85 60.77 4.86 59.95
CA ALA A 85 61.69 5.28 61.01
C ALA A 85 61.17 6.45 61.83
N CYS A 86 60.24 7.25 61.29
CA CYS A 86 59.80 8.48 61.95
C CYS A 86 58.40 8.40 62.54
N LEU A 87 57.66 7.34 62.28
CA LEU A 87 56.29 7.25 62.79
C LEU A 87 56.28 7.05 64.29
N GLU A 88 55.27 7.63 64.93
CA GLU A 88 54.98 7.37 66.33
C GLU A 88 53.85 6.35 66.45
N VAL A 89 53.78 5.72 67.63
CA VAL A 89 52.64 4.88 67.93
C VAL A 89 51.36 5.69 67.80
N GLY A 90 50.38 5.14 67.07
CA GLY A 90 49.13 5.83 66.85
C GLY A 90 49.06 6.70 65.61
N ASP A 91 50.16 6.86 64.88
CA ASP A 91 50.13 7.61 63.63
C ASP A 91 49.38 6.81 62.55
N ILE A 92 48.84 7.55 61.58
CA ILE A 92 48.13 6.96 60.45
C ILE A 92 48.70 7.55 59.16
N VAL A 93 49.03 6.68 58.20
CA VAL A 93 49.39 7.11 56.85
C VAL A 93 48.31 6.61 55.88
N VAL A 94 47.77 7.54 55.10
CA VAL A 94 46.74 7.24 54.10
C VAL A 94 47.44 7.29 52.75
N ASP A 95 47.69 6.12 52.14
CA ASP A 95 48.46 6.06 50.90
C ASP A 95 47.47 6.06 49.73
N LEU A 96 47.46 7.15 48.98
CA LEU A 96 46.55 7.33 47.86
C LEU A 96 47.13 6.85 46.55
N SER A 97 48.31 6.23 46.56
CA SER A 97 48.97 5.78 45.36
C SER A 97 48.36 4.47 44.87
N THR A 98 48.56 4.18 43.59
CA THR A 98 48.25 2.87 43.06
C THR A 98 49.54 2.07 43.03
N ILE A 99 49.58 1.00 43.84
CA ILE A 99 50.78 0.19 44.02
C ILE A 99 50.36 -1.28 44.01
N ALA A 100 51.36 -2.15 43.87
CA ALA A 100 51.11 -3.59 43.85
C ALA A 100 50.46 -4.04 45.16
N PRO A 101 49.46 -4.93 45.10
CA PRO A 101 48.79 -5.38 46.33
C PRO A 101 49.73 -6.00 47.35
N GLU A 102 50.74 -6.77 46.91
CA GLU A 102 51.69 -7.33 47.86
C GLU A 102 52.55 -6.25 48.53
N THR A 103 52.88 -5.17 47.81
CA THR A 103 53.56 -4.04 48.48
C THR A 103 52.66 -3.46 49.56
N ALA A 104 51.38 -3.23 49.24
CA ALA A 104 50.45 -2.71 50.23
C ALA A 104 50.32 -3.65 51.42
N GLU A 105 50.22 -4.96 51.17
CA GLU A 105 50.16 -5.93 52.25
C GLU A 105 51.38 -5.83 53.15
N GLY A 106 52.58 -5.76 52.55
CA GLY A 106 53.79 -5.64 53.35
C GLY A 106 53.82 -4.38 54.18
N LEU A 107 53.30 -3.28 53.64
CA LEU A 107 53.27 -2.03 54.39
C LEU A 107 52.26 -2.08 55.53
N HIS A 108 51.09 -2.69 55.29
CA HIS A 108 50.15 -2.95 56.39
C HIS A 108 50.87 -3.63 57.57
N ALA A 109 51.65 -4.67 57.28
CA ALA A 109 52.32 -5.42 58.34
C ALA A 109 53.43 -4.60 58.97
N ALA A 110 54.22 -3.89 58.16
CA ALA A 110 55.32 -3.11 58.73
C ALA A 110 54.80 -2.01 59.65
N PHE A 111 53.71 -1.36 59.26
CA PHE A 111 53.14 -0.32 60.12
C PHE A 111 52.65 -0.92 61.43
N ALA A 112 51.94 -2.07 61.36
CA ALA A 112 51.39 -2.68 62.56
C ALA A 112 52.48 -3.00 63.58
N GLN A 113 53.64 -3.48 63.11
CA GLN A 113 54.78 -3.74 63.98
C GLN A 113 55.16 -2.51 64.78
N GLN A 114 55.14 -1.33 64.16
CA GLN A 114 55.48 -0.07 64.83
C GLN A 114 54.34 0.47 65.70
N GLY A 115 53.21 -0.22 65.79
CA GLY A 115 52.06 0.35 66.47
C GLY A 115 51.39 1.49 65.73
N ALA A 116 51.60 1.59 64.43
CA ALA A 116 50.96 2.60 63.59
C ALA A 116 49.99 1.91 62.63
N ASP A 117 49.31 2.71 61.81
CA ASP A 117 48.31 2.19 60.88
C ASP A 117 48.57 2.66 59.45
N TYR A 118 48.70 1.72 58.54
CA TYR A 118 48.64 1.98 57.11
C TYR A 118 47.19 1.93 56.66
N ILE A 119 46.73 2.97 55.98
CA ILE A 119 45.43 2.97 55.29
C ILE A 119 45.70 2.97 53.80
N GLU A 120 45.31 1.88 53.15
CA GLU A 120 45.49 1.67 51.72
C GLU A 120 44.29 2.30 51.01
N CYS A 121 44.49 3.43 50.30
CA CYS A 121 43.37 4.25 49.84
C CYS A 121 43.57 4.73 48.40
N PRO A 122 43.62 3.80 47.43
CA PRO A 122 43.67 4.24 46.02
C PRO A 122 42.40 4.98 45.67
N VAL A 123 42.49 5.88 44.69
CA VAL A 123 41.38 6.76 44.34
C VAL A 123 41.14 6.77 42.84
N SER A 124 39.96 7.25 42.45
CA SER A 124 39.63 7.37 41.04
C SER A 124 38.77 8.62 40.85
N GLY A 125 38.98 9.28 39.71
CA GLY A 125 38.22 10.49 39.43
C GLY A 125 39.08 11.57 38.82
N GLY A 126 40.39 11.35 38.77
CA GLY A 126 41.32 12.27 38.13
C GLY A 126 41.47 13.60 38.87
N VAL A 127 42.35 14.44 38.33
CA VAL A 127 42.57 15.79 38.85
C VAL A 127 41.24 16.54 38.96
N GLU A 128 40.40 16.40 37.95
CA GLU A 128 39.09 17.06 37.93
C GLU A 128 38.25 16.66 39.15
N GLY A 129 38.16 15.35 39.42
CA GLY A 129 37.40 14.90 40.58
C GLY A 129 38.01 15.32 41.90
N ALA A 130 39.35 15.40 41.96
CA ALA A 130 40.01 15.87 43.19
C ALA A 130 39.65 17.32 43.49
N LEU A 131 39.73 18.19 42.49
CA LEU A 131 39.48 19.61 42.70
C LEU A 131 38.02 19.87 43.10
N ALA A 132 37.09 19.07 42.57
CA ALA A 132 35.69 19.18 42.94
C ALA A 132 35.34 18.38 44.18
N GLY A 133 36.30 17.63 44.74
CA GLY A 133 36.06 16.86 45.94
C GLY A 133 35.14 15.69 45.76
N ILE A 134 35.11 15.09 44.57
CA ILE A 134 34.16 14.00 44.31
C ILE A 134 34.89 12.72 43.93
N LEU A 135 36.12 12.53 44.41
CA LEU A 135 36.83 11.29 44.10
C LEU A 135 36.09 10.08 44.67
N SER A 136 36.30 8.93 44.05
CA SER A 136 35.94 7.66 44.65
C SER A 136 37.17 7.04 45.30
N ALA A 137 37.03 6.56 46.52
CA ALA A 137 38.10 5.89 47.22
C ALA A 137 37.75 4.42 47.43
N ILE A 138 38.78 3.58 47.39
CA ILE A 138 38.71 2.17 47.79
C ILE A 138 39.69 1.99 48.93
N VAL A 139 39.23 1.43 50.05
CA VAL A 139 39.97 1.54 51.30
C VAL A 139 40.15 0.17 51.93
N SER A 140 41.40 -0.18 52.22
CA SER A 140 41.72 -1.37 53.01
C SER A 140 42.50 -0.96 54.24
N GLY A 141 42.34 -1.73 55.31
CA GLY A 141 43.00 -1.45 56.56
C GLY A 141 42.10 -1.62 57.75
N ARG A 142 42.62 -1.28 58.97
CA ARG A 142 41.91 -1.62 60.17
C ARG A 142 40.80 -0.62 60.46
N PRO A 143 39.70 -1.08 61.06
CA PRO A 143 38.49 -0.24 61.16
C PRO A 143 38.64 0.97 62.07
N GLU A 144 39.44 0.90 63.14
CA GLU A 144 39.55 2.10 63.97
C GLU A 144 40.30 3.22 63.25
N ALA A 145 41.44 2.90 62.63
CA ALA A 145 42.16 3.90 61.84
C ALA A 145 41.29 4.42 60.70
N TYR A 146 40.58 3.53 60.01
CA TYR A 146 39.66 3.97 58.97
C TYR A 146 38.65 4.98 59.51
N GLY A 147 38.00 4.63 60.63
CA GLY A 147 37.04 5.55 61.22
C GLY A 147 37.63 6.90 61.56
N LEU A 148 38.92 6.95 61.93
CA LEU A 148 39.52 8.21 62.31
C LEU A 148 39.78 9.11 61.10
N ILE A 149 40.19 8.52 59.98
CA ILE A 149 40.53 9.31 58.80
C ILE A 149 39.35 9.48 57.86
N ARG A 150 38.30 8.69 58.03
CA ARG A 150 37.09 8.80 57.21
C ARG A 150 36.61 10.24 57.03
N PRO A 151 36.49 11.09 58.07
CA PRO A 151 36.06 12.47 57.82
C PRO A 151 37.04 13.29 57.00
N LEU A 152 38.32 12.91 56.99
CA LEU A 152 39.29 13.59 56.11
C LEU A 152 39.04 13.26 54.64
N LEU A 153 38.78 11.97 54.33
CA LEU A 153 38.50 11.57 52.96
C LEU A 153 37.26 12.28 52.44
N GLU A 154 36.28 12.53 53.32
CA GLU A 154 35.05 13.22 52.96
C GLU A 154 35.34 14.58 52.33
N VAL A 155 36.45 15.21 52.71
CA VAL A 155 36.78 16.52 52.15
C VAL A 155 36.98 16.44 50.65
N PHE A 156 37.53 15.34 50.14
CA PHE A 156 37.82 15.27 48.70
C PHE A 156 37.23 14.05 48.01
N CYS A 157 36.40 13.26 48.69
CA CYS A 157 35.79 12.08 48.09
C CYS A 157 34.27 12.13 48.21
N ALA A 158 33.59 11.64 47.18
CA ALA A 158 32.14 11.44 47.22
C ALA A 158 31.78 10.01 47.62
N THR A 159 32.39 9.03 46.97
CA THR A 159 32.15 7.63 47.27
C THR A 159 33.38 7.02 47.93
N VAL A 160 33.16 6.21 48.97
CA VAL A 160 34.23 5.51 49.66
C VAL A 160 33.80 4.07 49.88
N THR A 161 34.52 3.11 49.30
CA THR A 161 34.22 1.69 49.43
C THR A 161 35.25 1.05 50.37
N TYR A 162 34.79 0.64 51.56
CA TYR A 162 35.66 0.03 52.56
C TYR A 162 35.72 -1.47 52.33
N VAL A 163 36.91 -1.97 51.98
CA VAL A 163 37.14 -3.41 51.82
C VAL A 163 38.35 -3.78 52.69
N PRO A 164 38.10 -4.20 53.94
CA PRO A 164 39.16 -4.15 54.96
C PRO A 164 40.42 -4.95 54.65
N GLU A 165 40.29 -6.09 53.97
CA GLU A 165 41.42 -6.99 53.78
C GLU A 165 42.59 -6.28 53.12
N PRO A 166 43.79 -6.33 53.70
CA PRO A 166 44.95 -5.68 53.09
C PRO A 166 45.19 -6.15 51.65
N GLY A 167 45.52 -5.20 50.79
CA GLY A 167 45.76 -5.50 49.40
C GLY A 167 44.53 -5.54 48.54
N LYS A 168 43.33 -5.60 49.14
CA LYS A 168 42.11 -5.75 48.35
C LYS A 168 41.78 -4.47 47.59
N ALA A 169 41.98 -3.31 48.23
CA ALA A 169 41.72 -2.05 47.54
C ALA A 169 42.60 -1.92 46.30
N GLN A 170 43.88 -2.30 46.40
CA GLN A 170 44.73 -2.18 45.22
C GLN A 170 44.31 -3.18 44.14
N ARG A 171 43.89 -4.38 44.55
CA ARG A 171 43.40 -5.35 43.57
C ARG A 171 42.26 -4.77 42.76
N LEU A 172 41.29 -4.13 43.44
CA LEU A 172 40.13 -3.56 42.77
C LEU A 172 40.52 -2.36 41.91
N LYS A 173 41.41 -1.51 42.42
CA LYS A 173 41.83 -0.32 41.66
C LYS A 173 42.50 -0.72 40.36
N ILE A 174 43.39 -1.72 40.40
CA ILE A 174 44.14 -2.13 39.21
C ILE A 174 43.19 -2.67 38.15
N LEU A 175 42.21 -3.48 38.56
CA LEU A 175 41.19 -3.98 37.65
C LEU A 175 40.31 -2.84 37.12
N ASN A 176 39.94 -1.88 37.98
CA ASN A 176 39.22 -0.70 37.52
C ASN A 176 39.97 -0.01 36.40
N ASN A 177 41.29 0.14 36.56
CA ASN A 177 42.09 0.90 35.62
C ASN A 177 42.37 0.14 34.34
N LEU A 178 42.42 -1.18 34.40
CA LEU A 178 42.45 -2.00 33.19
C LEU A 178 41.22 -1.71 32.34
N ALA A 179 40.05 -1.59 32.98
CA ALA A 179 38.82 -1.28 32.23
C ALA A 179 38.86 0.14 31.67
N GLU A 180 39.41 1.09 32.44
CA GLU A 180 39.67 2.42 31.92
C GLU A 180 40.46 2.35 30.62
N SER A 181 41.56 1.60 30.66
CA SER A 181 42.48 1.55 29.54
C SER A 181 41.80 0.98 28.30
N ILE A 182 41.00 -0.06 28.47
CA ILE A 182 40.26 -0.64 27.34
C ILE A 182 39.23 0.36 26.82
N ASN A 183 38.48 1.00 27.73
CA ASN A 183 37.47 1.97 27.32
C ASN A 183 38.11 3.14 26.58
N LEU A 184 39.23 3.64 27.11
CA LEU A 184 39.91 4.79 26.52
C LEU A 184 40.41 4.46 25.13
N ALA A 185 41.10 3.32 24.97
CA ALA A 185 41.61 2.96 23.66
C ALA A 185 40.48 2.73 22.66
N GLY A 186 39.39 2.10 23.10
CA GLY A 186 38.24 1.94 22.22
C GLY A 186 37.63 3.27 21.84
N ALA A 187 37.47 4.17 22.83
CA ALA A 187 36.82 5.45 22.55
C ALA A 187 37.65 6.26 21.57
N ILE A 188 38.98 6.24 21.70
CA ILE A 188 39.85 6.95 20.76
C ILE A 188 39.75 6.34 19.36
N GLU A 189 39.62 5.02 19.27
CA GLU A 189 39.46 4.41 17.95
C GLU A 189 38.12 4.81 17.34
N VAL A 190 37.07 4.86 18.14
CA VAL A 190 35.75 5.17 17.60
C VAL A 190 35.66 6.63 17.19
N ILE A 191 36.18 7.54 18.02
CA ILE A 191 36.23 8.95 17.65
C ILE A 191 37.04 9.15 16.39
N SER A 192 38.19 8.46 16.29
CA SER A 192 39.07 8.64 15.14
C SER A 192 38.38 8.20 13.86
N GLN A 193 37.75 7.02 13.88
CA GLN A 193 37.02 6.54 12.72
C GLN A 193 35.92 7.52 12.34
N GLY A 194 35.19 8.04 13.33
CA GLY A 194 34.15 9.01 13.04
C GLY A 194 34.66 10.23 12.30
N LEU A 195 35.81 10.76 12.73
CA LEU A 195 36.44 11.90 12.03
C LEU A 195 36.80 11.53 10.61
N SER A 196 37.40 10.35 10.41
CA SER A 196 37.76 9.91 9.07
C SER A 196 36.53 9.71 8.20
N GLN A 197 35.41 9.36 8.83
CA GLN A 197 34.15 9.12 8.11
C GLN A 197 33.34 10.37 7.86
N GLY A 198 33.87 11.54 8.21
CA GLY A 198 33.17 12.78 7.98
C GLY A 198 32.35 13.30 9.12
N LEU A 199 32.29 12.59 10.25
CA LEU A 199 31.45 13.01 11.36
C LEU A 199 32.09 14.16 12.13
N ASP A 200 31.27 15.11 12.57
CA ASP A 200 31.73 16.22 13.37
C ASP A 200 31.83 15.83 14.83
N LEU A 201 32.78 16.45 15.54
CA LEU A 201 33.00 16.13 16.96
C LEU A 201 31.76 16.42 17.79
N LYS A 202 31.03 17.49 17.45
CA LYS A 202 29.87 17.85 18.27
C LYS A 202 28.81 16.76 18.24
N SER A 203 28.53 16.21 17.06
CA SER A 203 27.54 15.14 16.97
C SER A 203 28.03 13.87 17.67
N MET A 204 29.32 13.56 17.52
CA MET A 204 29.87 12.40 18.20
C MET A 204 29.78 12.57 19.71
N ALA A 205 30.09 13.78 20.20
CA ALA A 205 29.97 14.04 21.63
C ALA A 205 28.53 13.90 22.10
N ASP A 206 27.59 14.41 21.31
CA ASP A 206 26.17 14.29 21.66
C ASP A 206 25.76 12.84 21.81
N VAL A 207 26.16 12.00 20.85
CA VAL A 207 25.72 10.61 20.83
C VAL A 207 26.50 9.78 21.85
N PHE A 208 27.82 9.97 21.93
CA PHE A 208 28.63 9.12 22.78
C PHE A 208 28.53 9.48 24.26
N THR A 209 27.83 10.57 24.61
CA THR A 209 27.49 10.84 26.00
C THR A 209 26.06 10.47 26.34
N SER A 210 25.17 10.35 25.35
CA SER A 210 23.77 10.04 25.65
C SER A 210 23.43 8.58 25.41
N CYS A 211 24.07 7.92 24.45
CA CYS A 211 23.79 6.54 24.12
C CYS A 211 24.73 5.61 24.91
N ARG A 212 24.48 4.31 24.81
CA ARG A 212 25.10 3.38 25.75
C ARG A 212 26.55 3.05 25.43
N GLY A 213 27.13 3.62 24.39
CA GLY A 213 28.57 3.61 24.31
C GLY A 213 29.26 4.49 25.33
N ARG A 214 28.51 5.20 26.17
CA ARG A 214 29.10 6.16 27.08
C ARG A 214 29.93 5.46 28.15
N SER A 215 30.98 6.15 28.60
CA SER A 215 31.85 5.68 29.68
C SER A 215 32.56 6.90 30.24
N ALA A 216 32.99 6.78 31.50
CA ALA A 216 33.83 7.82 32.09
C ALA A 216 35.02 8.16 31.20
N TYR A 217 35.65 7.16 30.58
CA TYR A 217 36.83 7.46 29.77
C TYR A 217 36.50 7.84 28.33
N MET A 218 35.30 7.51 27.83
CA MET A 218 34.83 8.17 26.62
C MET A 218 34.72 9.68 26.83
N ASP A 219 34.20 10.10 28.00
CA ASP A 219 34.21 11.52 28.36
C ASP A 219 35.63 12.10 28.30
N VAL A 220 36.59 11.37 28.89
CA VAL A 220 37.99 11.83 28.84
C VAL A 220 38.44 12.02 27.40
N ALA A 221 38.18 11.02 26.56
CA ALA A 221 38.66 11.06 25.18
C ALA A 221 37.99 12.18 24.39
N LEU A 222 36.68 12.38 24.62
CA LEU A 222 35.95 13.47 23.97
C LEU A 222 36.44 14.83 24.46
N GLY A 223 36.62 14.97 25.78
CA GLY A 223 37.18 16.22 26.30
C GLY A 223 38.52 16.54 25.68
N TYR A 224 39.35 15.51 25.48
CA TYR A 224 40.65 15.69 24.85
C TYR A 224 40.50 16.15 23.41
N ALA A 225 39.60 15.53 22.66
CA ALA A 225 39.43 15.90 21.26
C ALA A 225 38.76 17.26 21.13
N LEU A 226 37.76 17.55 21.97
CA LEU A 226 37.01 18.79 21.85
C LEU A 226 37.87 20.00 22.20
N SER A 227 38.75 19.86 23.20
CA SER A 227 39.59 20.97 23.61
C SER A 227 40.81 21.14 22.73
N GLY A 228 41.02 20.29 21.74
CA GLY A 228 42.25 20.33 20.97
C GLY A 228 43.48 19.88 21.73
N GLY A 229 43.33 18.94 22.66
CA GLY A 229 44.46 18.33 23.33
C GLY A 229 44.82 18.86 24.71
N ALA A 230 43.90 19.55 25.39
CA ALA A 230 44.16 19.91 26.78
C ALA A 230 44.39 18.65 27.61
N SER A 231 45.33 18.74 28.55
CA SER A 231 45.81 17.57 29.27
C SER A 231 44.67 16.87 30.01
N SER A 232 44.65 15.55 29.96
CA SER A 232 43.78 14.78 30.84
C SER A 232 44.42 14.54 32.19
N ASN A 233 45.67 15.00 32.36
CA ASN A 233 46.42 14.93 33.62
C ASN A 233 46.69 13.49 34.07
N VAL A 234 46.71 12.57 33.13
CA VAL A 234 47.25 11.24 33.35
C VAL A 234 48.34 11.01 32.32
N SER A 235 49.58 10.89 32.79
CA SER A 235 50.69 10.62 31.89
C SER A 235 50.68 9.16 31.45
N LEU A 236 51.36 8.90 30.33
CA LEU A 236 51.55 7.51 29.91
C LEU A 236 52.39 6.74 30.91
N GLY A 237 53.28 7.41 31.64
CA GLY A 237 54.03 6.75 32.69
C GLY A 237 53.13 6.18 33.76
N VAL A 238 52.15 6.98 34.22
CA VAL A 238 51.22 6.51 35.24
C VAL A 238 50.30 5.42 34.69
N ARG A 239 49.79 5.64 33.48
CA ARG A 239 48.90 4.65 32.85
C ARG A 239 49.61 3.31 32.69
N CYS A 240 50.84 3.34 32.17
CA CYS A 240 51.59 2.10 31.92
C CYS A 240 52.05 1.43 33.21
N LYS A 241 52.33 2.20 34.26
CA LYS A 241 52.59 1.61 35.57
C LYS A 241 51.42 0.72 35.99
N ASP A 242 50.19 1.22 35.84
CA ASP A 242 49.03 0.45 36.27
C ASP A 242 48.78 -0.75 35.36
N LEU A 243 48.99 -0.59 34.05
CA LEU A 243 48.87 -1.71 33.13
C LEU A 243 49.86 -2.82 33.46
N GLU A 244 51.07 -2.43 33.87
CA GLU A 244 52.07 -3.41 34.27
C GLU A 244 51.69 -4.10 35.57
N LEU A 245 51.10 -3.37 36.52
CA LEU A 245 50.58 -4.06 37.70
C LEU A 245 49.52 -5.10 37.31
N ALA A 246 48.66 -4.76 36.34
CA ALA A 246 47.65 -5.71 35.87
C ALA A 246 48.27 -6.87 35.11
N ARG A 247 49.27 -6.58 34.28
CA ARG A 247 49.95 -7.63 33.52
C ARG A 247 50.55 -8.68 34.45
N ARG A 248 51.14 -8.24 35.56
CA ARG A 248 51.77 -9.18 36.47
C ARG A 248 50.75 -10.05 37.19
N ARG A 249 49.46 -9.72 37.11
CA ARG A 249 48.43 -10.53 37.75
C ARG A 249 47.66 -11.38 36.76
N LEU A 250 48.05 -11.38 35.48
CA LEU A 250 47.39 -12.21 34.48
C LEU A 250 47.70 -13.68 34.72
N PRO A 251 46.69 -14.55 34.71
CA PRO A 251 46.94 -15.98 34.90
C PRO A 251 47.58 -16.60 33.67
N GLN A 252 48.26 -17.72 33.90
CA GLN A 252 48.90 -18.45 32.81
C GLN A 252 47.94 -19.42 32.12
N ASP A 253 46.71 -19.55 32.62
CA ASP A 253 45.79 -20.58 32.14
C ASP A 253 44.61 -20.04 31.35
N GLN A 254 44.49 -18.72 31.20
CA GLN A 254 43.38 -18.16 30.43
C GLN A 254 43.83 -16.88 29.74
N SER A 255 43.52 -16.78 28.46
CA SER A 255 43.84 -15.59 27.67
C SER A 255 42.78 -14.53 27.87
N TYR A 256 43.24 -13.29 28.02
CA TYR A 256 42.35 -12.13 28.12
C TYR A 256 42.80 -11.13 27.05
N PRO A 257 42.34 -11.31 25.80
CA PRO A 257 42.90 -10.51 24.69
C PRO A 257 42.69 -9.01 24.81
N PHE A 258 41.53 -8.54 25.28
CA PHE A 258 41.36 -7.09 25.40
C PHE A 258 42.32 -6.52 26.44
N SER A 259 42.48 -7.23 27.57
CA SER A 259 43.42 -6.79 28.60
C SER A 259 44.83 -6.73 28.06
N THR A 260 45.29 -7.83 27.45
CA THR A 260 46.64 -7.89 26.91
C THR A 260 46.85 -6.87 25.80
N LEU A 261 45.82 -6.63 24.97
CA LEU A 261 45.93 -5.59 23.94
C LEU A 261 46.10 -4.22 24.58
N ALA A 262 45.38 -3.94 25.66
CA ALA A 262 45.50 -2.66 26.34
C ALA A 262 46.91 -2.46 26.91
N MET A 263 47.50 -3.51 27.47
CA MET A 263 48.86 -3.41 27.98
C MET A 263 49.86 -3.11 26.86
N THR A 264 49.81 -3.87 25.77
CA THR A 264 50.75 -3.63 24.68
C THR A 264 50.51 -2.29 24.02
N THR A 265 49.24 -1.90 23.82
CA THR A 265 48.94 -0.66 23.11
C THR A 265 49.51 0.55 23.82
N PHE A 266 49.28 0.65 25.13
CA PHE A 266 49.74 1.85 25.81
C PHE A 266 51.24 1.82 26.04
N ASP A 267 51.84 0.62 26.08
CA ASP A 267 53.29 0.53 26.08
C ASP A 267 53.88 1.11 24.80
N THR A 268 53.28 0.75 23.65
CA THR A 268 53.76 1.29 22.37
C THR A 268 53.59 2.80 22.29
N VAL A 269 52.45 3.32 22.77
CA VAL A 269 52.23 4.76 22.77
C VAL A 269 53.23 5.46 23.67
N ARG A 270 53.53 4.85 24.82
CA ARG A 270 54.54 5.39 25.73
C ARG A 270 55.91 5.45 25.04
N GLN A 271 56.30 4.37 24.35
CA GLN A 271 57.57 4.36 23.64
C GLN A 271 57.61 5.42 22.55
N ALA A 272 56.47 5.66 21.89
CA ALA A 272 56.45 6.58 20.77
C ALA A 272 56.29 8.04 21.18
N CYS A 273 55.79 8.32 22.38
CA CYS A 273 55.42 9.68 22.75
C CYS A 273 56.09 10.19 24.01
N GLY A 274 56.63 9.31 24.85
CA GLY A 274 57.34 9.70 26.06
C GLY A 274 56.49 9.54 27.31
N GLU A 275 57.17 9.33 28.44
CA GLU A 275 56.52 8.99 29.70
C GLU A 275 55.60 10.09 30.21
N GLU A 276 55.96 11.35 30.00
CA GLU A 276 55.17 12.46 30.52
C GLU A 276 54.09 12.94 29.56
N SER A 277 53.99 12.36 28.37
CA SER A 277 52.91 12.70 27.43
C SER A 277 51.58 12.08 27.86
N ASP A 278 50.50 12.66 27.33
CA ASP A 278 49.15 12.32 27.79
C ASP A 278 48.77 10.90 27.37
N GLN A 279 48.06 10.21 28.25
CA GLN A 279 47.47 8.92 27.92
C GLN A 279 46.67 8.98 26.61
N CYS A 280 46.04 10.10 26.33
CA CYS A 280 45.24 10.25 25.11
C CYS A 280 46.07 10.44 23.86
N GLN A 281 47.40 10.38 23.94
CA GLN A 281 48.22 10.47 22.73
C GLN A 281 48.11 9.24 21.83
N TYR A 282 47.39 8.20 22.26
CA TYR A 282 46.96 7.18 21.33
C TYR A 282 46.32 7.79 20.08
N PHE A 283 45.62 8.92 20.24
CA PHE A 283 45.05 9.64 19.10
C PHE A 283 46.09 9.86 18.01
N SER A 284 47.25 10.41 18.38
CA SER A 284 48.24 10.72 17.35
C SER A 284 48.96 9.47 16.87
N VAL A 285 49.20 8.49 17.75
CA VAL A 285 49.81 7.24 17.31
C VAL A 285 48.91 6.54 16.33
N LEU A 286 47.60 6.53 16.61
CA LEU A 286 46.65 5.88 15.73
C LEU A 286 46.80 6.35 14.29
N SER A 287 46.83 7.67 14.09
CA SER A 287 47.03 8.24 12.76
C SER A 287 48.48 8.18 12.28
N HIS A 288 49.42 7.78 13.15
CA HIS A 288 50.87 7.66 12.84
C HIS A 288 51.54 9.02 12.63
N VAL B 4 -3.49 7.87 15.76
CA VAL B 4 -3.22 6.44 15.62
C VAL B 4 -1.82 6.18 15.07
N VAL B 5 -1.10 5.29 15.74
CA VAL B 5 0.27 4.94 15.39
C VAL B 5 0.33 3.46 15.02
N GLY B 6 1.05 3.13 13.96
CA GLY B 6 1.35 1.75 13.60
C GLY B 6 2.73 1.35 14.12
N PHE B 7 2.88 0.07 14.42
CA PHE B 7 4.18 -0.44 14.87
C PHE B 7 4.46 -1.80 14.25
N ILE B 8 5.61 -1.92 13.60
CA ILE B 8 6.03 -3.12 12.88
C ILE B 8 7.28 -3.67 13.54
N GLY B 9 7.22 -4.93 13.98
CA GLY B 9 8.40 -5.56 14.54
C GLY B 9 8.35 -5.59 16.05
N LEU B 10 7.86 -6.70 16.58
CA LEU B 10 7.61 -6.82 18.01
C LEU B 10 8.62 -7.76 18.62
N GLY B 11 9.90 -7.58 18.32
CA GLY B 11 10.98 -8.27 19.00
C GLY B 11 11.25 -7.66 20.35
N ARG B 12 12.44 -7.91 20.88
CA ARG B 12 12.76 -7.47 22.22
C ARG B 12 12.56 -5.95 22.38
N MET B 13 13.15 -5.17 21.48
CA MET B 13 13.04 -3.72 21.58
C MET B 13 11.66 -3.22 21.17
N GLY B 14 11.09 -3.80 20.11
CA GLY B 14 9.77 -3.37 19.67
C GLY B 14 8.70 -3.53 20.73
N GLN B 15 8.69 -4.68 21.42
CA GLN B 15 7.65 -4.92 22.43
C GLN B 15 7.77 -3.94 23.58
N ALA B 16 8.99 -3.62 23.97
CA ALA B 16 9.19 -2.65 25.04
C ALA B 16 8.75 -1.26 24.63
N ILE B 17 9.11 -0.81 23.43
CA ILE B 17 8.68 0.52 23.03
C ILE B 17 7.17 0.57 22.90
N CYS B 18 6.57 -0.47 22.30
CA CYS B 18 5.12 -0.55 22.24
C CYS B 18 4.49 -0.49 23.61
N ARG B 19 5.06 -1.20 24.59
CA ARG B 19 4.51 -1.17 25.94
C ARG B 19 4.48 0.24 26.49
N ARG B 20 5.53 1.01 26.23
CA ARG B 20 5.59 2.40 26.69
C ARG B 20 4.62 3.28 25.90
N LEU B 21 4.53 3.09 24.58
CA LEU B 21 3.53 3.81 23.82
C LEU B 21 2.14 3.54 24.37
N LEU B 22 1.78 2.27 24.54
CA LEU B 22 0.46 1.93 25.05
C LEU B 22 0.22 2.49 26.45
N ALA B 23 1.27 2.57 27.27
CA ALA B 23 1.11 3.07 28.63
C ALA B 23 0.74 4.54 28.63
N SER B 24 1.12 5.26 27.59
CA SER B 24 0.73 6.64 27.43
C SER B 24 -0.67 6.79 26.85
N GLN B 25 -1.38 5.68 26.62
CA GLN B 25 -2.73 5.68 26.08
C GLN B 25 -2.76 6.21 24.65
N MET B 26 -1.72 5.98 23.92
CA MET B 26 -1.75 6.18 22.48
C MET B 26 -2.44 4.99 21.81
N PRO B 27 -3.24 5.21 20.76
CA PRO B 27 -3.69 4.06 19.98
C PRO B 27 -2.53 3.50 19.18
N VAL B 28 -2.30 2.19 19.30
CA VAL B 28 -1.19 1.54 18.60
C VAL B 28 -1.73 0.31 17.88
N HIS B 29 -1.52 0.24 16.58
CA HIS B 29 -1.81 -0.94 15.79
C HIS B 29 -0.49 -1.66 15.49
N VAL B 30 -0.44 -2.97 15.73
CA VAL B 30 0.81 -3.70 15.68
C VAL B 30 0.74 -4.79 14.63
N HIS B 31 1.88 -5.03 14.00
CA HIS B 31 2.06 -6.15 13.08
C HIS B 31 3.42 -6.79 13.34
N ASN B 32 3.48 -8.10 13.16
CA ASN B 32 4.73 -8.84 13.32
C ASN B 32 4.63 -10.12 12.49
N ARG B 33 5.76 -10.51 11.89
CA ARG B 33 5.83 -11.79 11.18
C ARG B 33 5.35 -12.93 12.07
N SER B 34 5.84 -13.01 13.31
CA SER B 34 5.46 -14.08 14.22
C SER B 34 4.29 -13.60 15.06
N ARG B 35 3.10 -14.10 14.76
CA ARG B 35 1.86 -13.49 15.27
C ARG B 35 1.79 -13.54 16.79
N GLU B 36 2.30 -14.61 17.41
CA GLU B 36 2.11 -14.77 18.85
C GLU B 36 2.83 -13.70 19.67
N LYS B 37 3.83 -13.02 19.11
CA LYS B 37 4.49 -11.94 19.86
C LYS B 37 3.58 -10.73 20.10
N ALA B 38 2.45 -10.66 19.40
CA ALA B 38 1.51 -9.56 19.56
C ALA B 38 0.55 -9.75 20.73
N ASP B 39 0.37 -11.00 21.18
CA ASP B 39 -0.71 -11.33 22.10
C ASP B 39 -0.61 -10.52 23.37
N ASP B 40 0.59 -10.40 23.93
CA ASP B 40 0.74 -9.66 25.18
C ASP B 40 0.58 -8.16 24.97
N LEU B 41 0.97 -7.64 23.81
CA LEU B 41 0.70 -6.25 23.51
C LEU B 41 -0.81 -6.00 23.36
N ILE B 42 -1.52 -6.95 22.76
CA ILE B 42 -2.97 -6.82 22.60
C ILE B 42 -3.66 -6.86 23.96
N ARG B 43 -3.16 -7.69 24.87
CA ARG B 43 -3.67 -7.67 26.25
C ARG B 43 -3.51 -6.29 26.88
N GLN B 44 -2.51 -5.52 26.46
CA GLN B 44 -2.30 -4.17 26.95
C GLN B 44 -3.00 -3.12 26.11
N GLY B 45 -3.85 -3.53 25.15
CA GLY B 45 -4.67 -2.59 24.41
C GLY B 45 -4.24 -2.31 22.98
N ALA B 46 -3.18 -2.95 22.48
CA ALA B 46 -2.80 -2.80 21.08
C ALA B 46 -3.82 -3.47 20.16
N VAL B 47 -3.91 -2.99 18.93
CA VAL B 47 -4.81 -3.54 17.91
C VAL B 47 -4.01 -4.30 16.86
N TRP B 48 -4.37 -5.56 16.63
CA TRP B 48 -3.68 -6.37 15.64
C TRP B 48 -3.96 -5.89 14.22
N ALA B 49 -2.91 -5.71 13.43
CA ALA B 49 -3.03 -5.49 12.00
C ALA B 49 -2.46 -6.70 11.28
N PRO B 50 -3.26 -7.43 10.50
CA PRO B 50 -2.75 -8.65 9.85
C PRO B 50 -1.79 -8.35 8.72
N ASP B 51 -1.70 -7.09 8.29
CA ASP B 51 -1.25 -6.69 6.97
C ASP B 51 -0.49 -5.38 7.09
N ILE B 52 0.52 -5.18 6.23
CA ILE B 52 1.00 -3.81 6.04
C ILE B 52 -0.12 -2.94 5.49
N VAL B 53 -0.88 -3.46 4.53
CA VAL B 53 -2.01 -2.70 3.99
C VAL B 53 -2.98 -2.30 5.11
N ALA B 54 -3.36 -3.26 5.96
CA ALA B 54 -4.25 -2.95 7.08
C ALA B 54 -3.62 -1.92 8.01
N LEU B 55 -2.31 -2.00 8.20
CA LEU B 55 -1.62 -1.04 9.07
C LEU B 55 -1.62 0.36 8.47
N THR B 56 -1.28 0.48 7.19
CA THR B 56 -1.28 1.81 6.57
C THR B 56 -2.68 2.40 6.48
N ARG B 57 -3.72 1.58 6.33
CA ARG B 57 -5.08 2.09 6.34
C ARG B 57 -5.41 2.75 7.68
N ALA B 58 -4.85 2.22 8.77
CA ALA B 58 -5.16 2.75 10.10
C ALA B 58 -4.29 3.92 10.50
N ALA B 59 -3.03 3.96 10.06
CA ALA B 59 -2.05 4.86 10.66
C ALA B 59 -1.29 5.63 9.60
N ARG B 60 -1.12 6.93 9.83
CA ARG B 60 -0.32 7.78 8.97
C ARG B 60 1.13 7.87 9.41
N VAL B 61 1.44 7.36 10.61
CA VAL B 61 2.79 7.32 11.15
C VAL B 61 3.02 5.90 11.64
N LEU B 62 4.06 5.26 11.13
CA LEU B 62 4.39 3.87 11.48
C LEU B 62 5.80 3.81 12.03
N PHE B 63 5.97 3.11 13.14
CA PHE B 63 7.31 2.77 13.62
C PHE B 63 7.71 1.39 13.07
N VAL B 64 9.02 1.22 12.82
CA VAL B 64 9.58 -0.06 12.38
C VAL B 64 10.73 -0.40 13.31
N CYS B 65 10.78 -1.66 13.80
CA CYS B 65 11.87 -2.00 14.74
C CYS B 65 12.25 -3.48 14.53
N THR B 66 13.08 -3.71 13.51
CA THR B 66 13.44 -5.05 13.09
C THR B 66 14.94 -5.20 13.12
N ALA B 67 15.40 -6.42 12.81
CA ALA B 67 16.82 -6.73 12.83
C ALA B 67 17.19 -7.41 11.52
N GLY B 68 18.20 -6.88 10.85
CA GLY B 68 18.79 -7.52 9.69
C GLY B 68 18.33 -6.92 8.39
N SER B 69 19.15 -7.10 7.36
CA SER B 69 18.83 -6.55 6.04
C SER B 69 17.70 -7.33 5.36
N GLU B 70 17.52 -8.61 5.68
CA GLU B 70 16.43 -9.35 5.07
C GLU B 70 15.08 -8.74 5.45
N ALA B 71 14.94 -8.25 6.68
CA ALA B 71 13.71 -7.58 7.08
C ALA B 71 13.52 -6.26 6.34
N VAL B 72 14.62 -5.56 6.00
CA VAL B 72 14.49 -4.32 5.24
C VAL B 72 13.89 -4.63 3.87
N GLN B 73 14.42 -5.66 3.21
CA GLN B 73 13.90 -6.04 1.91
C GLN B 73 12.44 -6.50 2.03
N ASP B 74 12.14 -7.37 3.02
CA ASP B 74 10.81 -7.98 3.08
C ASP B 74 9.72 -6.95 3.40
N PHE B 75 9.99 -6.01 4.32
CA PHE B 75 8.96 -5.05 4.72
C PHE B 75 8.89 -3.84 3.79
N TYR B 76 10.02 -3.34 3.30
CA TYR B 76 9.96 -2.13 2.49
C TYR B 76 9.70 -2.42 1.00
N HIS B 77 10.35 -3.43 0.44
CA HIS B 77 10.42 -3.58 -1.01
C HIS B 77 9.55 -4.71 -1.55
N ALA B 78 8.74 -5.35 -0.71
CA ALA B 78 7.79 -6.33 -1.21
C ALA B 78 6.85 -5.68 -2.22
N PRO B 79 6.71 -6.21 -3.44
CA PRO B 79 5.86 -5.56 -4.45
C PRO B 79 4.40 -5.54 -4.00
N ASP B 80 3.74 -4.40 -4.26
CA ASP B 80 2.33 -4.16 -3.94
C ASP B 80 2.03 -4.21 -2.43
N ARG B 81 2.70 -5.10 -1.69
CA ARG B 81 2.40 -5.39 -0.29
C ARG B 81 3.31 -4.67 0.70
N GLY B 82 4.47 -4.19 0.26
CA GLY B 82 5.43 -3.59 1.16
C GLY B 82 5.13 -2.15 1.51
N LEU B 83 5.96 -1.60 2.41
CA LEU B 83 5.75 -0.25 2.92
C LEU B 83 5.77 0.78 1.80
N LEU B 84 6.75 0.66 0.89
CA LEU B 84 6.90 1.67 -0.16
C LEU B 84 5.69 1.71 -1.09
N ALA B 85 5.05 0.57 -1.33
CA ALA B 85 3.86 0.55 -2.17
C ALA B 85 2.65 1.13 -1.44
N CYS B 86 2.56 0.94 -0.13
CA CYS B 86 1.34 1.28 0.61
C CYS B 86 1.32 2.71 1.12
N LEU B 87 2.42 3.43 0.97
CA LEU B 87 2.55 4.72 1.60
C LEU B 87 1.73 5.77 0.87
N GLU B 88 0.95 6.56 1.62
CA GLU B 88 0.24 7.71 1.10
C GLU B 88 1.14 8.94 1.17
N VAL B 89 0.88 9.91 0.29
CA VAL B 89 1.55 11.20 0.42
C VAL B 89 1.31 11.75 1.82
N GLY B 90 2.38 12.26 2.43
CA GLY B 90 2.30 12.79 3.78
C GLY B 90 2.60 11.79 4.88
N ASP B 91 2.64 10.49 4.57
CA ASP B 91 2.94 9.49 5.58
C ASP B 91 4.38 9.60 6.07
N ILE B 92 4.63 9.09 7.27
CA ILE B 92 5.96 9.10 7.88
C ILE B 92 6.23 7.72 8.46
N VAL B 93 7.38 7.14 8.11
CA VAL B 93 7.83 5.90 8.72
C VAL B 93 9.05 6.22 9.57
N VAL B 94 8.97 5.88 10.85
CA VAL B 94 10.03 6.11 11.83
C VAL B 94 10.73 4.78 12.05
N ASP B 95 11.94 4.64 11.50
CA ASP B 95 12.67 3.38 11.54
C ASP B 95 13.64 3.41 12.71
N LEU B 96 13.36 2.61 13.73
CA LEU B 96 14.15 2.48 14.94
C LEU B 96 15.25 1.42 14.84
N SER B 97 15.35 0.72 13.72
CA SER B 97 16.34 -0.33 13.56
C SER B 97 17.73 0.27 13.32
N THR B 98 18.75 -0.54 13.57
CA THR B 98 20.12 -0.23 13.15
C THR B 98 20.40 -0.94 11.83
N ILE B 99 20.65 -0.15 10.78
CA ILE B 99 20.87 -0.65 9.43
C ILE B 99 22.04 0.11 8.83
N ALA B 100 22.51 -0.37 7.67
CA ALA B 100 23.66 0.25 7.03
C ALA B 100 23.33 1.69 6.63
N PRO B 101 24.27 2.62 6.77
CA PRO B 101 23.98 4.00 6.36
C PRO B 101 23.52 4.13 4.92
N GLU B 102 24.13 3.39 3.99
CA GLU B 102 23.70 3.47 2.60
C GLU B 102 22.29 2.92 2.42
N THR B 103 21.88 1.94 3.23
CA THR B 103 20.50 1.49 3.18
C THR B 103 19.55 2.60 3.62
N ALA B 104 19.85 3.27 4.73
CA ALA B 104 19.02 4.39 5.16
C ALA B 104 18.97 5.49 4.09
N GLU B 105 20.12 5.80 3.48
CA GLU B 105 20.14 6.83 2.45
C GLU B 105 19.19 6.47 1.31
N GLY B 106 19.21 5.22 0.87
CA GLY B 106 18.30 4.82 -0.20
C GLY B 106 16.84 4.93 0.21
N LEU B 107 16.52 4.58 1.45
CA LEU B 107 15.14 4.68 1.90
C LEU B 107 14.67 6.14 1.98
N HIS B 108 15.49 7.04 2.52
CA HIS B 108 15.18 8.47 2.44
C HIS B 108 14.75 8.86 1.03
N ALA B 109 15.53 8.44 0.02
CA ALA B 109 15.22 8.83 -1.36
C ALA B 109 13.98 8.12 -1.89
N ALA B 110 13.85 6.82 -1.61
CA ALA B 110 12.68 6.08 -2.07
C ALA B 110 11.39 6.64 -1.47
N PHE B 111 11.44 7.02 -0.19
CA PHE B 111 10.26 7.59 0.47
C PHE B 111 9.91 8.96 -0.10
N ALA B 112 10.91 9.82 -0.27
CA ALA B 112 10.65 11.15 -0.82
C ALA B 112 9.99 11.05 -2.19
N GLN B 113 10.35 10.05 -2.99
CA GLN B 113 9.76 9.94 -4.31
C GLN B 113 8.38 9.29 -4.29
N GLN B 114 7.91 8.84 -3.13
CA GLN B 114 6.51 8.50 -2.93
C GLN B 114 5.73 9.66 -2.31
N GLY B 115 6.35 10.83 -2.19
CA GLY B 115 5.72 11.92 -1.47
C GLY B 115 5.57 11.67 0.01
N ALA B 116 6.36 10.77 0.59
CA ALA B 116 6.31 10.47 2.01
C ALA B 116 7.68 10.75 2.63
N ASP B 117 7.82 10.43 3.92
CA ASP B 117 9.03 10.76 4.67
C ASP B 117 9.57 9.56 5.42
N TYR B 118 10.85 9.27 5.18
CA TYR B 118 11.61 8.31 5.98
C TYR B 118 12.35 9.07 7.07
N ILE B 119 12.12 8.67 8.33
CA ILE B 119 12.81 9.24 9.49
C ILE B 119 13.69 8.13 10.06
N GLU B 120 15.00 8.32 9.94
CA GLU B 120 15.99 7.34 10.33
C GLU B 120 16.31 7.58 11.80
N CYS B 121 15.89 6.65 12.68
CA CYS B 121 15.83 6.94 14.11
C CYS B 121 16.33 5.76 14.94
N PRO B 122 17.61 5.38 14.76
CA PRO B 122 18.20 4.39 15.68
C PRO B 122 18.21 4.91 17.11
N VAL B 123 18.15 3.99 18.08
CA VAL B 123 17.98 4.31 19.50
C VAL B 123 19.02 3.55 20.32
N SER B 124 19.11 3.94 21.60
CA SER B 124 20.05 3.32 22.52
C SER B 124 19.50 3.45 23.94
N GLY B 125 19.65 2.38 24.72
CA GLY B 125 19.09 2.36 26.07
C GLY B 125 18.58 0.98 26.43
N GLY B 126 18.47 0.09 25.45
CA GLY B 126 18.01 -1.25 25.70
C GLY B 126 16.53 -1.31 26.05
N VAL B 127 16.07 -2.54 26.31
CA VAL B 127 14.70 -2.77 26.75
C VAL B 127 14.41 -2.00 28.04
N GLU B 128 15.37 -2.00 28.95
CA GLU B 128 15.21 -1.30 30.21
C GLU B 128 14.94 0.19 29.99
N GLY B 129 15.69 0.82 29.08
CA GLY B 129 15.48 2.24 28.84
C GLY B 129 14.16 2.53 28.14
N ALA B 130 13.76 1.66 27.22
CA ALA B 130 12.47 1.82 26.54
C ALA B 130 11.33 1.72 27.54
N LEU B 131 11.37 0.72 28.41
CA LEU B 131 10.28 0.55 29.37
C LEU B 131 10.17 1.75 30.31
N ALA B 132 11.30 2.37 30.66
CA ALA B 132 11.29 3.59 31.45
C ALA B 132 11.08 4.83 30.60
N GLY B 133 10.95 4.68 29.28
CA GLY B 133 10.79 5.82 28.40
C GLY B 133 11.96 6.77 28.40
N ILE B 134 13.19 6.29 28.61
CA ILE B 134 14.33 7.19 28.60
C ILE B 134 15.35 6.81 27.54
N LEU B 135 14.89 6.25 26.42
CA LEU B 135 15.81 5.96 25.32
C LEU B 135 16.47 7.23 24.82
N SER B 136 17.66 7.08 24.25
CA SER B 136 18.27 8.13 23.46
C SER B 136 18.03 7.81 22.00
N ALA B 137 17.65 8.82 21.23
CA ALA B 137 17.44 8.67 19.79
C ALA B 137 18.46 9.51 19.02
N ILE B 138 18.84 9.00 17.86
CA ILE B 138 19.63 9.73 16.87
C ILE B 138 18.78 9.79 15.60
N VAL B 139 18.50 11.01 15.11
CA VAL B 139 17.45 11.22 14.12
C VAL B 139 18.00 11.93 12.88
N SER B 140 17.82 11.32 11.71
CA SER B 140 18.10 11.92 10.40
C SER B 140 16.83 11.95 9.55
N GLY B 141 16.76 12.94 8.66
CA GLY B 141 15.61 13.17 7.79
C GLY B 141 15.20 14.63 7.78
N ARG B 142 14.01 14.91 7.19
CA ARG B 142 13.58 16.27 6.92
C ARG B 142 13.00 16.92 8.17
N PRO B 143 13.22 18.24 8.33
CA PRO B 143 12.77 18.90 9.55
C PRO B 143 11.27 18.90 9.74
N GLU B 144 10.47 19.03 8.67
CA GLU B 144 9.02 19.09 8.86
C GLU B 144 8.49 17.75 9.38
N ALA B 145 8.94 16.64 8.78
CA ALA B 145 8.55 15.32 9.28
C ALA B 145 9.11 15.09 10.68
N TYR B 146 10.36 15.47 10.91
CA TYR B 146 10.94 15.33 12.25
C TYR B 146 10.10 16.08 13.28
N GLY B 147 9.73 17.32 12.99
CA GLY B 147 8.88 18.08 13.91
C GLY B 147 7.55 17.41 14.17
N LEU B 148 7.00 16.71 13.18
CA LEU B 148 5.71 16.05 13.36
C LEU B 148 5.82 14.84 14.28
N ILE B 149 6.94 14.11 14.25
CA ILE B 149 7.04 12.90 15.07
C ILE B 149 7.84 13.11 16.36
N ARG B 150 8.42 14.30 16.55
CA ARG B 150 9.16 14.56 17.79
C ARG B 150 8.32 14.36 19.05
N PRO B 151 7.07 14.83 19.15
CA PRO B 151 6.28 14.54 20.36
C PRO B 151 6.02 13.07 20.59
N LEU B 152 5.98 12.27 19.52
CA LEU B 152 5.85 10.83 19.69
C LEU B 152 7.10 10.23 20.29
N LEU B 153 8.27 10.64 19.78
CA LEU B 153 9.53 10.18 20.35
C LEU B 153 9.61 10.50 21.84
N GLU B 154 9.07 11.65 22.24
CA GLU B 154 9.15 12.08 23.64
C GLU B 154 8.46 11.12 24.59
N VAL B 155 7.52 10.31 24.09
CA VAL B 155 6.85 9.33 24.93
C VAL B 155 7.84 8.31 25.48
N PHE B 156 8.84 7.91 24.68
CA PHE B 156 9.75 6.87 25.12
C PHE B 156 11.22 7.26 25.09
N CYS B 157 11.53 8.53 24.82
CA CYS B 157 12.91 8.98 24.74
C CYS B 157 13.16 10.10 25.74
N ALA B 158 14.38 10.12 26.27
CA ALA B 158 14.82 11.24 27.10
C ALA B 158 15.71 12.22 26.35
N THR B 159 16.56 11.75 25.46
CA THR B 159 17.44 12.59 24.65
C THR B 159 17.23 12.24 23.18
N VAL B 160 17.16 13.27 22.35
CA VAL B 160 16.94 13.14 20.91
C VAL B 160 17.96 14.04 20.23
N THR B 161 18.91 13.44 19.52
CA THR B 161 19.92 14.16 18.77
C THR B 161 19.54 14.20 17.30
N TYR B 162 19.30 15.40 16.77
CA TYR B 162 18.84 15.59 15.39
C TYR B 162 20.06 15.90 14.51
N VAL B 163 20.37 14.99 13.61
CA VAL B 163 21.46 15.16 12.64
C VAL B 163 20.87 14.98 11.25
N PRO B 164 20.37 16.05 10.62
CA PRO B 164 19.49 15.90 9.44
C PRO B 164 20.03 15.02 8.32
N GLU B 165 21.31 15.13 7.98
CA GLU B 165 21.91 14.45 6.83
C GLU B 165 21.51 12.97 6.82
N PRO B 166 20.90 12.47 5.73
CA PRO B 166 20.53 11.05 5.66
C PRO B 166 21.76 10.17 5.84
N GLY B 167 21.57 9.07 6.57
CA GLY B 167 22.67 8.19 6.88
C GLY B 167 23.47 8.58 8.10
N LYS B 168 23.35 9.83 8.56
CA LYS B 168 24.23 10.28 9.64
C LYS B 168 23.88 9.62 10.97
N ALA B 169 22.59 9.47 11.27
CA ALA B 169 22.23 8.84 12.53
C ALA B 169 22.76 7.41 12.60
N GLN B 170 22.67 6.67 11.49
CA GLN B 170 23.14 5.29 11.50
C GLN B 170 24.67 5.22 11.63
N ARG B 171 25.41 6.11 10.96
CA ARG B 171 26.86 6.20 11.16
C ARG B 171 27.21 6.39 12.64
N LEU B 172 26.51 7.29 13.32
CA LEU B 172 26.75 7.53 14.73
C LEU B 172 26.33 6.33 15.57
N LYS B 173 25.18 5.72 15.27
CA LYS B 173 24.73 4.55 16.01
C LYS B 173 25.76 3.43 15.95
N ILE B 174 26.26 3.14 14.74
CA ILE B 174 27.16 2.02 14.55
C ILE B 174 28.46 2.24 15.32
N LEU B 175 29.00 3.45 15.25
CA LEU B 175 30.19 3.78 16.03
C LEU B 175 29.92 3.69 17.53
N ASN B 176 28.79 4.23 17.98
CA ASN B 176 28.43 4.11 19.39
C ASN B 176 28.41 2.65 19.82
N ASN B 177 27.90 1.77 18.96
CA ASN B 177 27.78 0.37 19.33
C ASN B 177 29.11 -0.38 19.27
N LEU B 178 30.06 0.12 18.46
CA LEU B 178 31.43 -0.38 18.52
C LEU B 178 32.05 -0.11 19.88
N ALA B 179 31.89 1.12 20.39
CA ALA B 179 32.31 1.42 21.76
C ALA B 179 31.62 0.51 22.77
N GLU B 180 30.31 0.29 22.61
CA GLU B 180 29.60 -0.64 23.50
C GLU B 180 30.29 -2.01 23.50
N SER B 181 30.61 -2.53 22.32
CA SER B 181 31.16 -3.88 22.22
C SER B 181 32.53 -3.96 22.88
N ILE B 182 33.39 -2.98 22.63
CA ILE B 182 34.70 -2.94 23.28
C ILE B 182 34.54 -2.85 24.80
N ASN B 183 33.69 -1.92 25.26
CA ASN B 183 33.46 -1.76 26.69
C ASN B 183 32.94 -3.04 27.31
N LEU B 184 32.01 -3.71 26.63
CA LEU B 184 31.40 -4.93 27.15
C LEU B 184 32.44 -6.03 27.29
N ALA B 185 33.19 -6.28 26.22
CA ALA B 185 34.23 -7.29 26.26
C ALA B 185 35.22 -7.00 27.38
N GLY B 186 35.66 -5.75 27.49
CA GLY B 186 36.57 -5.40 28.55
C GLY B 186 36.00 -5.61 29.93
N ALA B 187 34.75 -5.17 30.14
CA ALA B 187 34.07 -5.36 31.43
C ALA B 187 34.03 -6.84 31.80
N ILE B 188 33.69 -7.70 30.85
CA ILE B 188 33.60 -9.12 31.16
C ILE B 188 34.97 -9.70 31.49
N GLU B 189 36.02 -9.29 30.76
CA GLU B 189 37.37 -9.75 31.08
C GLU B 189 37.77 -9.31 32.48
N VAL B 190 37.48 -8.06 32.83
CA VAL B 190 37.88 -7.54 34.14
C VAL B 190 37.13 -8.25 35.27
N ILE B 191 35.83 -8.46 35.10
CA ILE B 191 35.03 -9.17 36.10
C ILE B 191 35.52 -10.61 36.25
N SER B 192 35.80 -11.28 35.13
CA SER B 192 36.26 -12.66 35.19
C SER B 192 37.61 -12.79 35.90
N GLN B 193 38.55 -11.88 35.60
CA GLN B 193 39.82 -11.89 36.30
C GLN B 193 39.62 -11.62 37.79
N GLY B 194 38.78 -10.64 38.13
CA GLY B 194 38.49 -10.37 39.52
C GLY B 194 37.97 -11.61 40.24
N LEU B 195 37.05 -12.33 39.61
CA LEU B 195 36.55 -13.56 40.22
C LEU B 195 37.68 -14.56 40.43
N SER B 196 38.53 -14.74 39.41
CA SER B 196 39.66 -15.67 39.51
C SER B 196 40.67 -15.24 40.56
N GLN B 197 40.73 -13.95 40.89
CA GLN B 197 41.58 -13.43 41.95
C GLN B 197 40.88 -13.39 43.29
N GLY B 198 39.69 -13.98 43.40
CA GLY B 198 39.02 -14.07 44.68
C GLY B 198 38.32 -12.82 45.14
N LEU B 199 38.05 -11.86 44.26
CA LEU B 199 37.23 -10.71 44.63
C LEU B 199 35.76 -11.07 44.57
N ASP B 200 34.99 -10.59 45.52
CA ASP B 200 33.54 -10.79 45.47
C ASP B 200 32.92 -9.86 44.45
N LEU B 201 31.78 -10.31 43.89
CA LEU B 201 31.07 -9.51 42.90
C LEU B 201 30.58 -8.19 43.50
N LYS B 202 30.09 -8.24 44.74
CA LYS B 202 29.61 -7.03 45.40
C LYS B 202 30.67 -5.95 45.44
N SER B 203 31.92 -6.31 45.81
CA SER B 203 32.99 -5.31 45.84
C SER B 203 33.27 -4.75 44.45
N MET B 204 33.38 -5.63 43.46
CA MET B 204 33.64 -5.18 42.10
C MET B 204 32.51 -4.29 41.61
N ALA B 205 31.26 -4.62 41.97
CA ALA B 205 30.14 -3.78 41.56
C ALA B 205 30.20 -2.40 42.21
N ASP B 206 30.58 -2.34 43.49
CA ASP B 206 30.70 -1.05 44.15
C ASP B 206 31.78 -0.19 43.50
N VAL B 207 32.91 -0.80 43.13
CA VAL B 207 34.05 -0.06 42.60
C VAL B 207 33.82 0.29 41.13
N PHE B 208 33.41 -0.70 40.32
CA PHE B 208 33.30 -0.51 38.88
C PHE B 208 32.11 0.35 38.50
N THR B 209 31.29 0.76 39.47
CA THR B 209 30.25 1.74 39.22
C THR B 209 30.60 3.12 39.72
N SER B 210 31.51 3.23 40.71
CA SER B 210 31.83 4.54 41.26
C SER B 210 33.12 5.12 40.68
N CYS B 211 34.11 4.27 40.42
CA CYS B 211 35.39 4.68 39.85
C CYS B 211 35.29 4.78 38.33
N ARG B 212 36.32 5.36 37.71
CA ARG B 212 36.25 5.74 36.29
C ARG B 212 36.47 4.58 35.32
N GLY B 213 36.51 3.34 35.78
CA GLY B 213 36.28 2.27 34.82
C GLY B 213 34.82 2.04 34.49
N ARG B 214 33.92 2.84 35.08
CA ARG B 214 32.49 2.68 34.87
C ARG B 214 32.10 3.01 33.44
N SER B 215 31.04 2.35 32.97
CA SER B 215 30.45 2.57 31.66
C SER B 215 29.04 1.99 31.67
N ALA B 216 28.26 2.37 30.65
CA ALA B 216 26.93 1.81 30.51
C ALA B 216 26.98 0.29 30.36
N TYR B 217 27.97 -0.22 29.62
CA TYR B 217 28.02 -1.66 29.42
C TYR B 217 28.77 -2.41 30.51
N MET B 218 29.63 -1.76 31.30
CA MET B 218 30.04 -2.36 32.56
C MET B 218 28.81 -2.64 33.43
N ASP B 219 27.85 -1.70 33.47
CA ASP B 219 26.62 -1.93 34.22
C ASP B 219 25.85 -3.12 33.65
N VAL B 220 25.83 -3.26 32.32
CA VAL B 220 25.23 -4.44 31.69
C VAL B 220 25.94 -5.71 32.15
N ALA B 221 27.27 -5.75 32.01
CA ALA B 221 28.03 -6.93 32.42
C ALA B 221 27.83 -7.25 33.90
N LEU B 222 27.82 -6.22 34.75
CA LEU B 222 27.62 -6.45 36.18
C LEU B 222 26.23 -7.00 36.47
N GLY B 223 25.20 -6.44 35.83
CA GLY B 223 23.85 -6.92 36.07
C GLY B 223 23.67 -8.37 35.65
N TYR B 224 24.34 -8.75 34.55
CA TYR B 224 24.32 -10.14 34.12
C TYR B 224 24.96 -11.05 35.16
N ALA B 225 26.12 -10.64 35.69
CA ALA B 225 26.79 -11.50 36.65
C ALA B 225 26.06 -11.50 37.99
N LEU B 226 25.60 -10.34 38.46
CA LEU B 226 24.89 -10.29 39.74
C LEU B 226 23.56 -11.03 39.69
N SER B 227 22.89 -11.05 38.54
CA SER B 227 21.61 -11.73 38.43
C SER B 227 21.74 -13.22 38.14
N GLY B 228 22.95 -13.74 38.01
CA GLY B 228 23.11 -15.13 37.62
C GLY B 228 22.77 -15.41 36.18
N GLY B 229 22.89 -14.42 35.31
CA GLY B 229 22.65 -14.61 33.89
C GLY B 229 21.28 -14.22 33.38
N ALA B 230 20.57 -13.30 34.06
CA ALA B 230 19.33 -12.80 33.51
C ALA B 230 19.61 -12.06 32.20
N SER B 231 18.69 -12.21 31.24
CA SER B 231 18.92 -11.67 29.90
C SER B 231 19.19 -10.17 29.94
N SER B 232 20.19 -9.74 29.17
CA SER B 232 20.38 -8.32 28.87
C SER B 232 19.56 -7.86 27.67
N ASN B 233 18.78 -8.78 27.08
CA ASN B 233 17.88 -8.49 25.97
C ASN B 233 18.59 -7.94 24.74
N VAL B 234 19.87 -8.29 24.56
CA VAL B 234 20.58 -8.08 23.31
C VAL B 234 21.18 -9.42 22.89
N SER B 235 20.72 -9.95 21.75
CA SER B 235 21.22 -11.22 21.25
C SER B 235 22.58 -11.05 20.59
N LEU B 236 23.32 -12.16 20.53
CA LEU B 236 24.58 -12.16 19.77
C LEU B 236 24.33 -11.85 18.30
N GLY B 237 23.20 -12.29 17.74
CA GLY B 237 22.88 -11.93 16.36
C GLY B 237 22.77 -10.43 16.15
N VAL B 238 22.10 -9.73 17.06
CA VAL B 238 21.99 -8.28 16.95
C VAL B 238 23.35 -7.61 17.15
N ARG B 239 24.09 -8.04 18.18
CA ARG B 239 25.40 -7.44 18.47
C ARG B 239 26.35 -7.61 17.29
N CYS B 240 26.40 -8.80 16.68
CA CYS B 240 27.28 -9.01 15.53
C CYS B 240 26.76 -8.32 14.28
N LYS B 241 25.44 -8.20 14.13
CA LYS B 241 24.91 -7.40 13.03
C LYS B 241 25.54 -6.00 13.05
N ASP B 242 25.56 -5.38 14.23
CA ASP B 242 26.08 -4.02 14.29
C ASP B 242 27.60 -3.99 14.14
N LEU B 243 28.29 -5.01 14.66
CA LEU B 243 29.75 -5.09 14.49
C LEU B 243 30.11 -5.26 13.03
N GLU B 244 29.33 -6.07 12.30
CA GLU B 244 29.57 -6.27 10.87
C GLU B 244 29.37 -4.98 10.09
N LEU B 245 28.37 -4.17 10.48
CA LEU B 245 28.18 -2.88 9.84
C LEU B 245 29.39 -1.98 10.10
N ALA B 246 30.00 -2.09 11.28
CA ALA B 246 31.22 -1.35 11.57
C ALA B 246 32.40 -1.88 10.76
N ARG B 247 32.51 -3.20 10.66
CA ARG B 247 33.61 -3.80 9.91
C ARG B 247 33.64 -3.31 8.48
N ARG B 248 32.46 -3.24 7.85
CA ARG B 248 32.36 -2.81 6.47
C ARG B 248 32.75 -1.34 6.29
N ARG B 249 32.90 -0.59 7.38
CA ARG B 249 33.28 0.81 7.28
C ARG B 249 34.72 1.06 7.71
N LEU B 250 35.47 0.02 8.02
CA LEU B 250 36.89 0.18 8.29
C LEU B 250 37.63 0.59 7.01
N PRO B 251 38.60 1.49 7.09
CA PRO B 251 39.41 1.82 5.92
C PRO B 251 40.44 0.73 5.63
N GLN B 252 41.06 0.85 4.47
CA GLN B 252 42.09 -0.11 4.07
C GLN B 252 43.46 0.24 4.65
N ASP B 253 43.72 1.52 4.90
CA ASP B 253 45.06 2.00 5.16
C ASP B 253 45.39 2.16 6.64
N GLN B 254 44.46 1.93 7.54
CA GLN B 254 44.75 2.15 8.95
C GLN B 254 44.15 1.03 9.80
N SER B 255 44.94 0.57 10.78
CA SER B 255 44.51 -0.46 11.70
C SER B 255 43.77 0.16 12.88
N TYR B 256 42.72 -0.53 13.31
CA TYR B 256 41.99 -0.18 14.53
C TYR B 256 41.89 -1.44 15.39
N PRO B 257 42.93 -1.75 16.17
CA PRO B 257 43.02 -3.10 16.76
C PRO B 257 41.92 -3.45 17.75
N PHE B 258 41.52 -2.52 18.63
CA PHE B 258 40.41 -2.82 19.55
C PHE B 258 39.10 -3.03 18.80
N SER B 259 38.86 -2.23 17.74
CA SER B 259 37.65 -2.38 16.93
C SER B 259 37.62 -3.74 16.25
N THR B 260 38.74 -4.12 15.63
CA THR B 260 38.83 -5.41 14.98
C THR B 260 38.75 -6.57 15.97
N LEU B 261 39.37 -6.43 17.15
CA LEU B 261 39.26 -7.47 18.17
C LEU B 261 37.80 -7.65 18.62
N ALA B 262 37.07 -6.55 18.76
CA ALA B 262 35.66 -6.66 19.12
C ALA B 262 34.87 -7.41 18.06
N MET B 263 35.12 -7.12 16.78
CA MET B 263 34.43 -7.83 15.69
C MET B 263 34.74 -9.32 15.71
N THR B 264 36.02 -9.70 15.86
CA THR B 264 36.33 -11.14 15.86
C THR B 264 35.84 -11.81 17.14
N THR B 265 35.99 -11.15 18.30
CA THR B 265 35.61 -11.77 19.56
C THR B 265 34.13 -12.13 19.57
N PHE B 266 33.27 -11.16 19.26
CA PHE B 266 31.84 -11.44 19.34
C PHE B 266 31.37 -12.40 18.23
N ASP B 267 32.07 -12.42 17.09
CA ASP B 267 31.82 -13.47 16.10
C ASP B 267 32.10 -14.86 16.68
N THR B 268 33.25 -15.03 17.35
CA THR B 268 33.58 -16.29 18.00
C THR B 268 32.54 -16.66 19.04
N VAL B 269 32.11 -15.69 19.86
CA VAL B 269 31.07 -15.98 20.85
C VAL B 269 29.78 -16.38 20.16
N ARG B 270 29.39 -15.63 19.12
CA ARG B 270 28.16 -15.96 18.40
C ARG B 270 28.22 -17.39 17.87
N GLN B 271 29.31 -17.73 17.19
CA GLN B 271 29.44 -19.06 16.61
C GLN B 271 29.37 -20.14 17.69
N ALA B 272 29.98 -19.88 18.85
CA ALA B 272 30.00 -20.88 19.91
C ALA B 272 28.69 -20.94 20.70
N CYS B 273 27.97 -19.83 20.82
CA CYS B 273 26.86 -19.78 21.76
C CYS B 273 25.48 -19.66 21.11
N GLY B 274 25.41 -19.32 19.83
CA GLY B 274 24.15 -19.33 19.13
C GLY B 274 23.60 -17.94 18.91
N GLU B 275 22.91 -17.77 17.76
CA GLU B 275 22.42 -16.46 17.32
C GLU B 275 21.59 -15.76 18.38
N GLU B 276 20.73 -16.50 19.08
CA GLU B 276 19.78 -15.88 20.00
C GLU B 276 20.28 -15.84 21.44
N SER B 277 21.51 -16.30 21.70
CA SER B 277 22.04 -16.22 23.05
C SER B 277 22.49 -14.80 23.38
N ASP B 278 22.65 -14.56 24.69
CA ASP B 278 22.94 -13.22 25.18
C ASP B 278 24.32 -12.72 24.72
N GLN B 279 24.39 -11.43 24.43
CA GLN B 279 25.68 -10.80 24.13
C GLN B 279 26.70 -11.05 25.24
N CYS B 280 26.24 -11.18 26.48
CA CYS B 280 27.15 -11.41 27.59
C CYS B 280 27.67 -12.85 27.68
N GLN B 281 27.36 -13.72 26.71
CA GLN B 281 27.89 -15.06 26.72
C GLN B 281 29.41 -15.10 26.53
N TYR B 282 30.05 -13.95 26.29
CA TYR B 282 31.50 -13.88 26.43
C TYR B 282 31.96 -14.43 27.78
N PHE B 283 31.15 -14.25 28.84
CA PHE B 283 31.45 -14.85 30.15
C PHE B 283 31.71 -16.35 30.04
N SER B 284 30.89 -17.06 29.27
CA SER B 284 31.07 -18.51 29.20
C SER B 284 32.24 -18.91 28.33
N VAL B 285 32.48 -18.18 27.24
CA VAL B 285 33.66 -18.46 26.42
C VAL B 285 34.93 -18.30 27.25
N LEU B 286 34.93 -17.35 28.18
CA LEU B 286 36.09 -17.11 29.03
C LEU B 286 36.21 -18.10 30.17
N SER B 287 35.12 -18.76 30.58
CA SER B 287 35.19 -19.72 31.68
C SER B 287 35.96 -20.97 31.23
N VAL C 4 -30.24 17.84 2.31
CA VAL C 4 -28.98 18.05 1.63
C VAL C 4 -28.45 16.72 1.09
N VAL C 5 -28.12 16.73 -0.19
CA VAL C 5 -27.56 15.56 -0.84
C VAL C 5 -26.17 15.92 -1.33
N GLY C 6 -25.23 14.99 -1.19
CA GLY C 6 -23.91 15.14 -1.75
C GLY C 6 -23.79 14.38 -3.05
N PHE C 7 -22.91 14.86 -3.93
CA PHE C 7 -22.70 14.20 -5.22
C PHE C 7 -21.22 14.23 -5.57
N ILE C 8 -20.65 13.05 -5.81
CA ILE C 8 -19.23 12.89 -6.11
C ILE C 8 -19.08 12.33 -7.52
N GLY C 9 -18.29 13.03 -8.35
CA GLY C 9 -18.04 12.55 -9.70
C GLY C 9 -18.88 13.34 -10.69
N LEU C 10 -18.28 14.38 -11.25
CA LEU C 10 -19.00 15.28 -12.12
C LEU C 10 -18.56 15.11 -13.56
N GLY C 11 -18.49 13.87 -14.03
CA GLY C 11 -18.27 13.57 -15.43
C GLY C 11 -19.57 13.71 -16.22
N ARG C 12 -19.59 13.09 -17.40
CA ARG C 12 -20.72 13.24 -18.31
C ARG C 12 -22.04 12.87 -17.63
N MET C 13 -22.10 11.67 -17.05
CA MET C 13 -23.32 11.23 -16.41
C MET C 13 -23.58 11.96 -15.10
N GLY C 14 -22.54 12.13 -14.28
CA GLY C 14 -22.72 12.84 -13.02
C GLY C 14 -23.27 14.26 -13.17
N GLN C 15 -22.72 15.00 -14.14
CA GLN C 15 -23.18 16.38 -14.36
C GLN C 15 -24.62 16.41 -14.81
N ALA C 16 -25.01 15.47 -15.67
CA ALA C 16 -26.40 15.41 -16.12
C ALA C 16 -27.34 15.07 -14.98
N ILE C 17 -27.01 14.04 -14.19
CA ILE C 17 -27.85 13.69 -13.05
C ILE C 17 -27.92 14.87 -12.09
N CYS C 18 -26.78 15.49 -11.81
CA CYS C 18 -26.75 16.65 -10.92
C CYS C 18 -27.65 17.77 -11.43
N ARG C 19 -27.62 18.02 -12.75
CA ARG C 19 -28.47 19.06 -13.32
C ARG C 19 -29.94 18.77 -13.05
N ARG C 20 -30.35 17.50 -13.18
CA ARG C 20 -31.73 17.12 -12.91
C ARG C 20 -32.08 17.27 -11.43
N LEU C 21 -31.15 16.89 -10.54
CA LEU C 21 -31.41 17.05 -9.11
C LEU C 21 -31.62 18.51 -8.76
N LEU C 22 -30.72 19.39 -9.21
CA LEU C 22 -30.86 20.82 -8.92
C LEU C 22 -32.14 21.38 -9.53
N ALA C 23 -32.51 20.94 -10.74
CA ALA C 23 -33.73 21.42 -11.38
C ALA C 23 -34.96 21.12 -10.53
N SER C 24 -34.95 20.04 -9.75
CA SER C 24 -36.03 19.74 -8.83
C SER C 24 -35.91 20.50 -7.52
N GLN C 25 -34.91 21.37 -7.40
CA GLN C 25 -34.70 22.20 -6.21
C GLN C 25 -34.27 21.37 -5.00
N MET C 26 -33.54 20.28 -5.23
CA MET C 26 -32.83 19.65 -4.12
C MET C 26 -31.56 20.45 -3.81
N PRO C 27 -31.19 20.56 -2.53
CA PRO C 27 -29.86 21.08 -2.21
C PRO C 27 -28.81 20.03 -2.54
N VAL C 28 -27.86 20.38 -3.40
CA VAL C 28 -26.82 19.45 -3.83
C VAL C 28 -25.46 20.08 -3.59
N HIS C 29 -24.63 19.41 -2.80
CA HIS C 29 -23.23 19.81 -2.63
C HIS C 29 -22.37 18.86 -3.46
N VAL C 30 -21.48 19.41 -4.28
CA VAL C 30 -20.79 18.60 -5.29
C VAL C 30 -19.29 18.58 -5.01
N HIS C 31 -18.67 17.46 -5.35
CA HIS C 31 -17.23 17.33 -5.32
C HIS C 31 -16.73 16.59 -6.55
N ASN C 32 -15.59 17.01 -7.06
CA ASN C 32 -14.96 16.34 -8.20
C ASN C 32 -13.45 16.55 -8.11
N ARG C 33 -12.71 15.55 -8.59
CA ARG C 33 -11.25 15.63 -8.60
C ARG C 33 -10.78 16.83 -9.43
N SER C 34 -11.36 17.01 -10.62
CA SER C 34 -11.06 18.17 -11.48
C SER C 34 -12.06 19.26 -11.14
N ARG C 35 -11.58 20.34 -10.53
CA ARG C 35 -12.46 21.34 -9.93
C ARG C 35 -13.32 22.05 -10.97
N GLU C 36 -12.76 22.34 -12.14
CA GLU C 36 -13.47 23.17 -13.11
C GLU C 36 -14.78 22.54 -13.61
N LYS C 37 -14.97 21.23 -13.44
CA LYS C 37 -16.21 20.61 -13.90
C LYS C 37 -17.38 20.92 -12.99
N ALA C 38 -17.13 21.51 -11.81
CA ALA C 38 -18.20 21.90 -10.91
C ALA C 38 -18.81 23.24 -11.28
N ASP C 39 -18.09 24.06 -12.06
CA ASP C 39 -18.44 25.47 -12.20
C ASP C 39 -19.81 25.63 -12.81
N ASP C 40 -20.10 24.88 -13.88
CA ASP C 40 -21.42 24.98 -14.50
C ASP C 40 -22.51 24.52 -13.54
N LEU C 41 -22.24 23.48 -12.76
CA LEU C 41 -23.21 23.02 -11.77
C LEU C 41 -23.41 24.07 -10.68
N ILE C 42 -22.34 24.74 -10.28
CA ILE C 42 -22.47 25.77 -9.26
C ILE C 42 -23.33 26.93 -9.77
N ARG C 43 -23.21 27.26 -11.05
CA ARG C 43 -24.09 28.30 -11.60
C ARG C 43 -25.55 27.88 -11.58
N GLN C 44 -25.83 26.59 -11.57
CA GLN C 44 -27.20 26.11 -11.42
C GLN C 44 -27.59 25.91 -9.95
N GLY C 45 -26.73 26.31 -9.02
CA GLY C 45 -27.08 26.36 -7.62
C GLY C 45 -26.48 25.27 -6.76
N ALA C 46 -25.60 24.42 -7.30
CA ALA C 46 -24.87 23.46 -6.48
C ALA C 46 -23.88 24.18 -5.58
N VAL C 47 -23.57 23.56 -4.44
CA VAL C 47 -22.61 24.10 -3.49
C VAL C 47 -21.32 23.28 -3.56
N TRP C 48 -20.20 23.95 -3.75
CA TRP C 48 -18.91 23.27 -3.84
C TRP C 48 -18.49 22.67 -2.50
N ALA C 49 -18.14 21.38 -2.51
CA ALA C 49 -17.47 20.76 -1.38
C ALA C 49 -16.01 20.53 -1.74
N PRO C 50 -15.05 21.18 -1.07
CA PRO C 50 -13.65 20.99 -1.45
C PRO C 50 -13.12 19.61 -1.15
N ASP C 51 -13.87 18.82 -0.38
CA ASP C 51 -13.36 17.71 0.41
C ASP C 51 -14.42 16.64 0.54
N ILE C 52 -13.99 15.39 0.66
CA ILE C 52 -14.93 14.35 1.10
C ILE C 52 -15.37 14.61 2.54
N VAL C 53 -14.47 15.12 3.38
CA VAL C 53 -14.85 15.44 4.75
C VAL C 53 -15.93 16.52 4.75
N ALA C 54 -15.71 17.60 4.00
CA ALA C 54 -16.69 18.68 3.95
C ALA C 54 -18.03 18.18 3.43
N LEU C 55 -18.00 17.24 2.49
CA LEU C 55 -19.23 16.71 1.94
C LEU C 55 -19.97 15.85 2.98
N THR C 56 -19.26 14.98 3.68
CA THR C 56 -19.91 14.15 4.68
C THR C 56 -20.38 14.95 5.89
N ARG C 57 -19.77 16.10 6.18
CA ARG C 57 -20.34 16.92 7.24
C ARG C 57 -21.65 17.55 6.81
N ALA C 58 -21.80 17.89 5.53
CA ALA C 58 -23.01 18.56 5.08
C ALA C 58 -24.15 17.59 4.75
N ALA C 59 -23.84 16.37 4.31
CA ALA C 59 -24.87 15.49 3.77
C ALA C 59 -24.77 14.11 4.38
N ARG C 60 -25.94 13.53 4.66
CA ARG C 60 -26.07 12.18 5.18
C ARG C 60 -26.39 11.17 4.07
N VAL C 61 -26.70 11.65 2.87
CA VAL C 61 -26.93 10.82 1.70
C VAL C 61 -26.06 11.37 0.58
N LEU C 62 -25.23 10.51 -0.02
CA LEU C 62 -24.30 10.91 -1.07
C LEU C 62 -24.46 10.04 -2.31
N PHE C 63 -24.34 10.64 -3.49
CA PHE C 63 -24.27 9.93 -4.75
C PHE C 63 -22.83 9.85 -5.22
N VAL C 64 -22.46 8.73 -5.84
CA VAL C 64 -21.16 8.55 -6.49
C VAL C 64 -21.39 8.16 -7.94
N CYS C 65 -20.67 8.83 -8.87
CA CYS C 65 -20.82 8.53 -10.30
C CYS C 65 -19.46 8.71 -10.97
N THR C 66 -18.63 7.69 -10.90
CA THR C 66 -17.25 7.73 -11.36
C THR C 66 -17.03 6.59 -12.34
N ALA C 67 -15.87 6.61 -12.99
CA ALA C 67 -15.48 5.57 -13.95
C ALA C 67 -14.16 4.96 -13.51
N GLY C 68 -14.14 3.65 -13.35
CA GLY C 68 -12.88 2.95 -13.19
C GLY C 68 -12.66 2.46 -11.78
N SER C 69 -11.84 1.42 -11.66
CA SER C 69 -11.55 0.87 -10.33
C SER C 69 -10.59 1.75 -9.54
N GLU C 70 -9.71 2.50 -10.23
CA GLU C 70 -8.86 3.46 -9.52
C GLU C 70 -9.70 4.47 -8.74
N ALA C 71 -10.86 4.87 -9.30
CA ALA C 71 -11.75 5.79 -8.59
C ALA C 71 -12.40 5.12 -7.38
N VAL C 72 -12.68 3.81 -7.47
CA VAL C 72 -13.20 3.09 -6.30
C VAL C 72 -12.20 3.17 -5.16
N GLN C 73 -10.95 2.80 -5.43
CA GLN C 73 -9.90 2.87 -4.41
C GLN C 73 -9.76 4.29 -3.85
N ASP C 74 -9.67 5.28 -4.74
CA ASP C 74 -9.33 6.64 -4.32
C ASP C 74 -10.43 7.27 -3.48
N PHE C 75 -11.70 7.11 -3.88
CA PHE C 75 -12.78 7.75 -3.14
C PHE C 75 -13.30 6.94 -1.96
N TYR C 76 -13.25 5.60 -2.02
CA TYR C 76 -13.76 4.83 -0.88
C TYR C 76 -12.68 4.50 0.14
N HIS C 77 -11.50 4.09 -0.33
CA HIS C 77 -10.49 3.50 0.55
C HIS C 77 -9.33 4.42 0.89
N ALA C 78 -9.32 5.66 0.40
CA ALA C 78 -8.26 6.57 0.80
C ALA C 78 -8.25 6.72 2.33
N PRO C 79 -7.13 6.42 2.99
CA PRO C 79 -7.08 6.56 4.45
C PRO C 79 -7.41 7.97 4.90
N ASP C 80 -8.29 8.08 5.91
CA ASP C 80 -8.72 9.33 6.54
C ASP C 80 -9.51 10.24 5.60
N ARG C 81 -9.20 10.21 4.31
CA ARG C 81 -9.79 11.13 3.33
C ARG C 81 -11.00 10.54 2.60
N GLY C 82 -11.06 9.22 2.44
CA GLY C 82 -12.09 8.60 1.64
C GLY C 82 -13.41 8.42 2.39
N LEU C 83 -14.40 7.89 1.65
CA LEU C 83 -15.77 7.75 2.16
C LEU C 83 -15.83 6.86 3.39
N LEU C 84 -15.18 5.69 3.32
CA LEU C 84 -15.27 4.73 4.42
C LEU C 84 -14.73 5.32 5.71
N ALA C 85 -13.70 6.17 5.61
CA ALA C 85 -13.15 6.84 6.78
C ALA C 85 -14.06 7.97 7.25
N CYS C 86 -14.84 8.57 6.37
CA CYS C 86 -15.60 9.77 6.74
C CYS C 86 -17.06 9.52 7.07
N LEU C 87 -17.66 8.44 6.58
CA LEU C 87 -19.08 8.26 6.77
C LEU C 87 -19.41 8.03 8.24
N GLU C 88 -20.59 8.47 8.64
CA GLU C 88 -21.17 8.25 9.95
C GLU C 88 -22.07 7.02 9.91
N VAL C 89 -22.31 6.44 11.08
CA VAL C 89 -23.30 5.38 11.16
C VAL C 89 -24.64 5.94 10.73
N GLY C 90 -25.37 5.16 9.91
CA GLY C 90 -26.65 5.61 9.39
C GLY C 90 -26.59 6.28 8.03
N ASP C 91 -25.40 6.63 7.54
CA ASP C 91 -25.28 7.28 6.25
C ASP C 91 -25.58 6.30 5.11
N ILE C 92 -25.94 6.85 3.96
CA ILE C 92 -26.23 6.07 2.77
C ILE C 92 -25.44 6.64 1.60
N VAL C 93 -24.71 5.79 0.89
CA VAL C 93 -24.06 6.18 -0.35
C VAL C 93 -24.75 5.43 -1.49
N VAL C 94 -25.23 6.18 -2.48
CA VAL C 94 -25.88 5.63 -3.67
C VAL C 94 -24.86 5.67 -4.80
N ASP C 95 -24.32 4.51 -5.16
CA ASP C 95 -23.24 4.42 -6.15
C ASP C 95 -23.86 4.13 -7.52
N LEU C 96 -23.93 5.16 -8.36
CA LEU C 96 -24.46 5.07 -9.72
C LEU C 96 -23.46 4.52 -10.73
N SER C 97 -22.26 4.14 -10.29
CA SER C 97 -21.21 3.70 -11.20
C SER C 97 -21.45 2.26 -11.63
N THR C 98 -20.80 1.88 -12.74
CA THR C 98 -20.71 0.48 -13.16
C THR C 98 -19.36 -0.07 -12.73
N ILE C 99 -19.37 -1.07 -11.85
CA ILE C 99 -18.17 -1.64 -11.26
C ILE C 99 -18.33 -3.16 -11.19
N ALA C 100 -17.23 -3.86 -10.92
CA ALA C 100 -17.28 -5.31 -10.85
C ALA C 100 -18.24 -5.75 -9.74
N PRO C 101 -19.01 -6.82 -9.95
CA PRO C 101 -19.90 -7.28 -8.87
C PRO C 101 -19.17 -7.61 -7.57
N GLU C 102 -17.97 -8.17 -7.64
CA GLU C 102 -17.18 -8.42 -6.44
C GLU C 102 -16.88 -7.12 -5.69
N THR C 103 -16.60 -6.05 -6.44
CA THR C 103 -16.32 -4.76 -5.81
C THR C 103 -17.54 -4.25 -5.06
N ALA C 104 -18.71 -4.32 -5.69
CA ALA C 104 -19.96 -3.94 -5.05
C ALA C 104 -20.22 -4.78 -3.80
N GLU C 105 -20.05 -6.10 -3.91
CA GLU C 105 -20.21 -6.98 -2.75
C GLU C 105 -19.28 -6.56 -1.61
N GLY C 106 -18.00 -6.31 -1.93
CA GLY C 106 -17.08 -5.86 -0.91
C GLY C 106 -17.49 -4.55 -0.26
N LEU C 107 -18.04 -3.62 -1.06
CA LEU C 107 -18.43 -2.32 -0.51
C LEU C 107 -19.70 -2.44 0.35
N HIS C 108 -20.65 -3.28 -0.07
CA HIS C 108 -21.78 -3.62 0.81
C HIS C 108 -21.29 -4.01 2.21
N ALA C 109 -20.33 -4.95 2.27
CA ALA C 109 -19.83 -5.43 3.56
C ALA C 109 -19.02 -4.36 4.29
N ALA C 110 -18.18 -3.62 3.57
CA ALA C 110 -17.36 -2.59 4.20
C ALA C 110 -18.22 -1.48 4.80
N PHE C 111 -19.29 -1.09 4.10
CA PHE C 111 -20.22 -0.12 4.67
C PHE C 111 -20.89 -0.66 5.92
N ALA C 112 -21.34 -1.92 5.87
CA ALA C 112 -21.97 -2.53 7.02
C ALA C 112 -21.04 -2.54 8.22
N GLN C 113 -19.72 -2.71 8.00
CA GLN C 113 -18.75 -2.59 9.08
C GLN C 113 -18.75 -1.20 9.69
N GLN C 114 -18.89 -0.17 8.86
CA GLN C 114 -18.94 1.21 9.34
C GLN C 114 -20.31 1.59 9.88
N GLY C 115 -21.24 0.65 9.98
CA GLY C 115 -22.60 0.96 10.37
C GLY C 115 -23.39 1.81 9.38
N ALA C 116 -22.95 1.89 8.12
CA ALA C 116 -23.62 2.66 7.09
C ALA C 116 -24.21 1.72 6.03
N ASP C 117 -24.79 2.28 4.97
CA ASP C 117 -25.46 1.50 3.94
C ASP C 117 -24.95 1.85 2.56
N TYR C 118 -24.42 0.85 1.86
CA TYR C 118 -24.09 0.96 0.44
C TYR C 118 -25.31 0.57 -0.38
N ILE C 119 -25.71 1.46 -1.28
CA ILE C 119 -26.79 1.21 -2.24
C ILE C 119 -26.14 1.13 -3.62
N GLU C 120 -26.17 -0.05 -4.20
CA GLU C 120 -25.53 -0.34 -5.47
C GLU C 120 -26.55 -0.08 -6.57
N CYS C 121 -26.35 0.98 -7.37
CA CYS C 121 -27.42 1.53 -8.21
C CYS C 121 -26.93 1.91 -9.60
N PRO C 122 -26.41 0.94 -10.37
CA PRO C 122 -26.07 1.25 -11.77
C PRO C 122 -27.32 1.70 -12.54
N VAL C 123 -27.12 2.55 -13.55
CA VAL C 123 -28.20 3.19 -14.28
C VAL C 123 -28.03 3.01 -15.78
N SER C 124 -29.07 3.34 -16.52
CA SER C 124 -29.05 3.22 -17.98
C SER C 124 -29.99 4.26 -18.58
N GLY C 125 -29.55 4.89 -19.66
CA GLY C 125 -30.37 5.87 -20.34
C GLY C 125 -29.56 7.02 -20.89
N GLY C 126 -28.27 7.05 -20.55
CA GLY C 126 -27.36 8.06 -21.07
C GLY C 126 -27.56 9.43 -20.44
N VAL C 127 -26.73 10.37 -20.88
CA VAL C 127 -26.91 11.77 -20.51
C VAL C 127 -28.31 12.23 -20.92
N GLU C 128 -28.76 11.79 -22.10
CA GLU C 128 -30.08 12.15 -22.60
C GLU C 128 -31.16 11.77 -21.60
N GLY C 129 -31.15 10.52 -21.13
CA GLY C 129 -32.17 10.08 -20.19
C GLY C 129 -32.06 10.75 -18.84
N ALA C 130 -30.84 11.05 -18.39
CA ALA C 130 -30.66 11.74 -17.12
C ALA C 130 -31.27 13.13 -17.15
N LEU C 131 -30.98 13.90 -18.21
CA LEU C 131 -31.50 15.26 -18.30
C LEU C 131 -33.02 15.27 -18.36
N ALA C 132 -33.61 14.25 -18.99
CA ALA C 132 -35.06 14.11 -19.02
C ALA C 132 -35.62 13.43 -17.77
N GLY C 133 -34.78 12.99 -16.83
CA GLY C 133 -35.30 12.34 -15.63
C GLY C 133 -35.94 10.99 -15.86
N ILE C 134 -35.54 10.26 -16.90
CA ILE C 134 -36.18 8.99 -17.22
C ILE C 134 -35.17 7.84 -17.28
N LEU C 135 -34.06 7.95 -16.55
CA LEU C 135 -33.14 6.82 -16.46
C LEU C 135 -33.85 5.60 -15.88
N SER C 136 -33.30 4.43 -16.20
CA SER C 136 -33.64 3.21 -15.51
C SER C 136 -32.57 2.93 -14.48
N ALA C 137 -32.96 2.40 -13.33
CA ALA C 137 -32.01 2.06 -12.29
C ALA C 137 -32.15 0.59 -11.93
N ILE C 138 -31.03 -0.03 -11.60
CA ILE C 138 -31.02 -1.38 -11.03
C ILE C 138 -30.37 -1.28 -9.66
N VAL C 139 -31.07 -1.73 -8.61
CA VAL C 139 -30.70 -1.39 -7.25
C VAL C 139 -30.52 -2.64 -6.41
N SER C 140 -29.39 -2.73 -5.70
CA SER C 140 -29.13 -3.77 -4.69
C SER C 140 -28.79 -3.10 -3.37
N GLY C 141 -29.09 -3.80 -2.28
CA GLY C 141 -28.86 -3.31 -0.93
C GLY C 141 -30.07 -3.53 -0.03
N ARG C 142 -29.91 -3.08 1.22
CA ARG C 142 -30.90 -3.36 2.26
C ARG C 142 -32.18 -2.57 2.02
N PRO C 143 -33.34 -3.18 2.29
CA PRO C 143 -34.62 -2.50 1.98
C PRO C 143 -34.84 -1.21 2.74
N GLU C 144 -34.32 -1.10 3.96
CA GLU C 144 -34.52 0.13 4.72
C GLU C 144 -33.83 1.31 4.07
N ALA C 145 -32.56 1.14 3.66
CA ALA C 145 -31.88 2.22 2.94
C ALA C 145 -32.51 2.48 1.59
N TYR C 146 -32.85 1.41 0.86
CA TYR C 146 -33.49 1.58 -0.45
C TYR C 146 -34.75 2.42 -0.35
N GLY C 147 -35.60 2.12 0.64
CA GLY C 147 -36.81 2.90 0.84
C GLY C 147 -36.54 4.36 1.11
N LEU C 148 -35.45 4.66 1.83
CA LEU C 148 -35.16 6.05 2.16
C LEU C 148 -34.76 6.85 0.93
N ILE C 149 -34.00 6.25 0.02
CA ILE C 149 -33.45 6.97 -1.13
C ILE C 149 -34.29 6.82 -2.39
N ARG C 150 -35.26 5.91 -2.40
CA ARG C 150 -36.11 5.74 -3.58
C ARG C 150 -36.81 7.03 -4.02
N PRO C 151 -37.37 7.87 -3.14
CA PRO C 151 -37.91 9.15 -3.62
C PRO C 151 -36.86 10.05 -4.25
N LEU C 152 -35.58 9.88 -3.90
CA LEU C 152 -34.51 10.60 -4.58
C LEU C 152 -34.30 10.05 -6.00
N LEU C 153 -34.23 8.72 -6.14
CA LEU C 153 -34.10 8.13 -7.47
C LEU C 153 -35.22 8.59 -8.38
N GLU C 154 -36.43 8.68 -7.83
CA GLU C 154 -37.60 9.11 -8.60
C GLU C 154 -37.40 10.45 -9.30
N VAL C 155 -36.48 11.28 -8.81
CA VAL C 155 -36.26 12.58 -9.43
C VAL C 155 -35.68 12.43 -10.84
N PHE C 156 -34.82 11.45 -11.07
CA PHE C 156 -34.16 11.35 -12.36
C PHE C 156 -34.33 10.00 -13.03
N CYS C 157 -35.13 9.10 -12.43
CA CYS C 157 -35.38 7.78 -12.99
C CYS C 157 -36.86 7.61 -13.31
N ALA C 158 -37.12 6.82 -14.35
CA ALA C 158 -38.50 6.42 -14.67
C ALA C 158 -38.82 5.00 -14.23
N THR C 159 -37.82 4.12 -14.21
CA THR C 159 -37.98 2.72 -13.85
C THR C 159 -36.89 2.37 -12.85
N VAL C 160 -37.26 1.65 -11.80
CA VAL C 160 -36.30 1.21 -10.79
C VAL C 160 -36.56 -0.26 -10.51
N THR C 161 -35.55 -1.10 -10.76
CA THR C 161 -35.65 -2.54 -10.59
C THR C 161 -34.86 -2.94 -9.35
N TYR C 162 -35.56 -3.37 -8.29
CA TYR C 162 -34.93 -3.63 -6.99
C TYR C 162 -34.58 -5.11 -6.89
N VAL C 163 -33.29 -5.42 -6.94
CA VAL C 163 -32.81 -6.80 -6.85
C VAL C 163 -31.84 -6.83 -5.66
N PRO C 164 -32.36 -7.09 -4.46
CA PRO C 164 -31.60 -6.74 -3.23
C PRO C 164 -30.24 -7.37 -3.09
N GLU C 165 -30.03 -8.57 -3.61
CA GLU C 165 -28.79 -9.31 -3.36
C GLU C 165 -27.57 -8.49 -3.78
N PRO C 166 -26.57 -8.33 -2.91
CA PRO C 166 -25.37 -7.58 -3.29
C PRO C 166 -24.72 -8.14 -4.55
N GLY C 167 -24.33 -7.23 -5.45
CA GLY C 167 -23.71 -7.60 -6.68
C GLY C 167 -24.67 -7.90 -7.81
N LYS C 168 -25.95 -8.10 -7.52
CA LYS C 168 -26.86 -8.52 -8.57
C LYS C 168 -27.15 -7.39 -9.56
N ALA C 169 -27.33 -6.17 -9.05
CA ALA C 169 -27.58 -5.04 -9.94
C ALA C 169 -26.42 -4.85 -10.92
N GLN C 170 -25.17 -5.00 -10.44
CA GLN C 170 -24.03 -4.87 -11.35
C GLN C 170 -23.97 -6.04 -12.33
N ARG C 171 -24.21 -7.27 -11.87
CA ARG C 171 -24.28 -8.41 -12.79
C ARG C 171 -25.25 -8.13 -13.94
N LEU C 172 -26.42 -7.58 -13.63
CA LEU C 172 -27.41 -7.29 -14.66
C LEU C 172 -26.97 -6.11 -15.55
N LYS C 173 -26.36 -5.09 -14.93
CA LYS C 173 -25.89 -3.94 -15.70
C LYS C 173 -24.84 -4.35 -16.72
N ILE C 174 -23.87 -5.16 -16.28
CA ILE C 174 -22.78 -5.56 -17.17
C ILE C 174 -23.31 -6.37 -18.36
N LEU C 175 -24.28 -7.26 -18.10
CA LEU C 175 -24.91 -8.02 -19.19
C LEU C 175 -25.72 -7.10 -20.10
N ASN C 176 -26.47 -6.17 -19.51
CA ASN C 176 -27.20 -5.20 -20.32
C ASN C 176 -26.27 -4.46 -21.27
N ASN C 177 -25.09 -4.07 -20.79
CA ASN C 177 -24.18 -3.30 -21.62
C ASN C 177 -23.45 -4.15 -22.64
N LEU C 178 -23.31 -5.45 -22.38
CA LEU C 178 -22.81 -6.36 -23.40
C LEU C 178 -23.74 -6.36 -24.61
N ALA C 179 -25.05 -6.46 -24.36
CA ALA C 179 -25.99 -6.36 -25.48
C ALA C 179 -25.93 -4.99 -26.13
N GLU C 180 -25.77 -3.92 -25.33
CA GLU C 180 -25.64 -2.59 -25.92
C GLU C 180 -24.50 -2.58 -26.91
N SER C 181 -23.36 -3.17 -26.52
CA SER C 181 -22.16 -3.16 -27.36
C SER C 181 -22.39 -3.93 -28.63
N ILE C 182 -23.00 -5.11 -28.54
CA ILE C 182 -23.28 -5.91 -29.72
C ILE C 182 -24.24 -5.16 -30.64
N ASN C 183 -25.31 -4.58 -30.07
CA ASN C 183 -26.27 -3.86 -30.90
C ASN C 183 -25.63 -2.67 -31.58
N LEU C 184 -24.76 -1.97 -30.86
CA LEU C 184 -24.10 -0.79 -31.42
C LEU C 184 -23.21 -1.18 -32.58
N ALA C 185 -22.37 -2.20 -32.38
CA ALA C 185 -21.46 -2.62 -33.44
C ALA C 185 -22.26 -3.04 -34.68
N GLY C 186 -23.30 -3.85 -34.48
CA GLY C 186 -24.14 -4.25 -35.59
C GLY C 186 -24.81 -3.07 -36.27
N ALA C 187 -25.33 -2.12 -35.50
CA ALA C 187 -26.00 -0.96 -36.09
C ALA C 187 -25.03 -0.17 -36.96
N ILE C 188 -23.81 0.04 -36.45
CA ILE C 188 -22.83 0.80 -37.22
C ILE C 188 -22.44 0.05 -38.49
N GLU C 189 -22.27 -1.27 -38.40
CA GLU C 189 -22.02 -2.06 -39.61
C GLU C 189 -23.17 -1.92 -40.59
N VAL C 190 -24.40 -2.02 -40.10
CA VAL C 190 -25.55 -1.98 -40.99
C VAL C 190 -25.71 -0.61 -41.63
N ILE C 191 -25.52 0.46 -40.85
CA ILE C 191 -25.59 1.80 -41.42
C ILE C 191 -24.46 2.01 -42.43
N SER C 192 -23.25 1.54 -42.12
CA SER C 192 -22.12 1.72 -43.03
C SER C 192 -22.34 0.99 -44.35
N GLN C 193 -22.85 -0.24 -44.28
CA GLN C 193 -23.13 -0.99 -45.49
C GLN C 193 -24.18 -0.30 -46.33
N GLY C 194 -25.23 0.22 -45.70
CA GLY C 194 -26.25 0.93 -46.45
C GLY C 194 -25.72 2.16 -47.17
N LEU C 195 -24.88 2.94 -46.48
CA LEU C 195 -24.25 4.09 -47.12
C LEU C 195 -23.46 3.65 -48.35
N SER C 196 -22.65 2.59 -48.22
CA SER C 196 -21.86 2.09 -49.34
C SER C 196 -22.74 1.57 -50.48
N GLN C 197 -23.98 1.19 -50.19
CA GLN C 197 -24.90 0.70 -51.21
C GLN C 197 -25.78 1.81 -51.77
N GLY C 198 -25.53 3.07 -51.41
CA GLY C 198 -26.27 4.19 -51.94
C GLY C 198 -27.57 4.51 -51.23
N LEU C 199 -27.84 3.88 -50.09
CA LEU C 199 -29.01 4.25 -49.31
C LEU C 199 -28.76 5.56 -48.58
N ASP C 200 -29.75 6.46 -48.61
CA ASP C 200 -29.68 7.70 -47.85
C ASP C 200 -29.90 7.42 -46.38
N LEU C 201 -29.31 8.27 -45.54
CA LEU C 201 -29.44 8.13 -44.09
C LEU C 201 -30.89 8.27 -43.65
N LYS C 202 -31.61 9.23 -44.26
CA LYS C 202 -33.01 9.43 -43.87
C LYS C 202 -33.82 8.15 -44.01
N SER C 203 -33.66 7.44 -45.14
CA SER C 203 -34.42 6.20 -45.33
C SER C 203 -34.04 5.14 -44.30
N MET C 204 -32.74 4.96 -44.03
CA MET C 204 -32.38 3.96 -43.02
C MET C 204 -32.88 4.37 -41.65
N ALA C 205 -32.88 5.67 -41.35
CA ALA C 205 -33.44 6.13 -40.08
C ALA C 205 -34.91 5.74 -39.96
N ASP C 206 -35.68 5.93 -41.05
CA ASP C 206 -37.10 5.61 -41.01
C ASP C 206 -37.34 4.11 -40.86
N VAL C 207 -36.56 3.30 -41.57
CA VAL C 207 -36.76 1.85 -41.50
C VAL C 207 -36.19 1.28 -40.20
N PHE C 208 -35.00 1.70 -39.81
CA PHE C 208 -34.35 1.07 -38.65
C PHE C 208 -34.94 1.53 -37.32
N THR C 209 -35.88 2.48 -37.33
CA THR C 209 -36.60 2.83 -36.12
C THR C 209 -38.00 2.23 -36.09
N SER C 210 -38.60 1.98 -37.25
CA SER C 210 -39.95 1.43 -37.30
C SER C 210 -39.97 -0.10 -37.41
N CYS C 211 -38.99 -0.70 -38.07
CA CYS C 211 -38.92 -2.13 -38.25
C CYS C 211 -38.15 -2.78 -37.09
N ARG C 212 -38.09 -4.11 -37.06
CA ARG C 212 -37.63 -4.81 -35.87
C ARG C 212 -36.12 -4.93 -35.77
N GLY C 213 -35.36 -4.34 -36.69
CA GLY C 213 -33.97 -4.14 -36.36
C GLY C 213 -33.73 -3.05 -35.35
N ARG C 214 -34.80 -2.39 -34.90
CA ARG C 214 -34.68 -1.25 -34.00
C ARG C 214 -34.13 -1.67 -32.64
N SER C 215 -33.41 -0.74 -32.00
CA SER C 215 -32.87 -0.94 -30.66
C SER C 215 -32.52 0.43 -30.11
N ALA C 216 -32.37 0.47 -28.78
CA ALA C 216 -31.92 1.71 -28.14
C ALA C 216 -30.60 2.18 -28.75
N TYR C 217 -29.68 1.25 -29.00
CA TYR C 217 -28.38 1.65 -29.52
C TYR C 217 -28.34 1.83 -31.02
N MET C 218 -29.29 1.25 -31.76
CA MET C 218 -29.47 1.68 -33.14
C MET C 218 -29.83 3.16 -33.21
N ASP C 219 -30.66 3.63 -32.27
CA ASP C 219 -30.98 5.06 -32.24
C ASP C 219 -29.74 5.88 -31.89
N VAL C 220 -28.89 5.37 -31.00
CA VAL C 220 -27.63 6.05 -30.72
C VAL C 220 -26.81 6.19 -31.99
N ALA C 221 -26.60 5.09 -32.71
CA ALA C 221 -25.76 5.14 -33.90
C ALA C 221 -26.40 5.99 -34.99
N LEU C 222 -27.72 5.90 -35.16
CA LEU C 222 -28.40 6.75 -36.13
C LEU C 222 -28.25 8.22 -35.78
N GLY C 223 -28.40 8.55 -34.49
CA GLY C 223 -28.26 9.94 -34.07
C GLY C 223 -26.86 10.48 -34.32
N TYR C 224 -25.86 9.65 -34.09
CA TYR C 224 -24.48 10.04 -34.37
C TYR C 224 -24.27 10.26 -35.87
N ALA C 225 -24.80 9.37 -36.70
CA ALA C 225 -24.62 9.55 -38.14
C ALA C 225 -25.41 10.76 -38.65
N LEU C 226 -26.66 10.90 -38.20
CA LEU C 226 -27.49 12.02 -38.65
C LEU C 226 -26.94 13.37 -38.20
N SER C 227 -26.32 13.43 -37.01
CA SER C 227 -25.87 14.71 -36.49
C SER C 227 -24.48 15.09 -36.99
N GLY C 228 -23.91 14.30 -37.89
CA GLY C 228 -22.54 14.54 -38.29
C GLY C 228 -21.53 14.29 -37.20
N GLY C 229 -21.85 13.43 -36.24
CA GLY C 229 -20.90 13.02 -35.23
C GLY C 229 -20.96 13.78 -33.92
N ALA C 230 -22.10 14.37 -33.56
CA ALA C 230 -22.25 14.92 -32.23
C ALA C 230 -22.10 13.82 -31.19
N SER C 231 -21.58 14.18 -30.03
CA SER C 231 -21.23 13.19 -29.02
C SER C 231 -22.44 12.39 -28.54
N SER C 232 -22.27 11.07 -28.44
CA SER C 232 -23.22 10.21 -27.72
C SER C 232 -22.95 10.20 -26.23
N ASN C 233 -21.92 10.92 -25.77
CA ASN C 233 -21.61 11.07 -24.33
C ASN C 233 -21.29 9.75 -23.65
N VAL C 234 -20.77 8.79 -24.40
CA VAL C 234 -20.15 7.60 -23.86
C VAL C 234 -18.78 7.45 -24.52
N SER C 235 -17.73 7.48 -23.71
CA SER C 235 -16.38 7.36 -24.24
C SER C 235 -16.01 5.89 -24.48
N LEU C 236 -15.00 5.69 -25.32
CA LEU C 236 -14.51 4.34 -25.50
C LEU C 236 -13.94 3.76 -24.20
N GLY C 237 -13.40 4.63 -23.33
CA GLY C 237 -12.89 4.15 -22.05
C GLY C 237 -13.96 3.56 -21.17
N VAL C 238 -15.12 4.24 -21.09
CA VAL C 238 -16.23 3.72 -20.31
C VAL C 238 -16.79 2.45 -20.96
N ARG C 239 -16.94 2.48 -22.30
CA ARG C 239 -17.48 1.32 -23.03
C ARG C 239 -16.59 0.09 -22.82
N CYS C 240 -15.28 0.25 -22.96
CA CYS C 240 -14.36 -0.87 -22.77
C CYS C 240 -14.26 -1.29 -21.31
N LYS C 241 -14.34 -0.33 -20.38
CA LYS C 241 -14.43 -0.69 -18.96
C LYS C 241 -15.51 -1.75 -18.74
N ASP C 242 -16.73 -1.49 -19.24
CA ASP C 242 -17.82 -2.44 -19.03
C ASP C 242 -17.59 -3.74 -19.81
N LEU C 243 -17.04 -3.65 -21.02
CA LEU C 243 -16.78 -4.86 -21.79
C LEU C 243 -15.73 -5.73 -21.10
N GLU C 244 -14.72 -5.11 -20.48
CA GLU C 244 -13.74 -5.88 -19.73
C GLU C 244 -14.36 -6.54 -18.51
N LEU C 245 -15.30 -5.86 -17.84
CA LEU C 245 -15.99 -6.50 -16.72
C LEU C 245 -16.76 -7.73 -17.18
N ALA C 246 -17.37 -7.67 -18.36
CA ALA C 246 -18.07 -8.84 -18.89
C ALA C 246 -17.08 -9.92 -19.29
N ARG C 247 -15.94 -9.53 -19.87
CA ARG C 247 -14.93 -10.51 -20.26
C ARG C 247 -14.46 -11.33 -19.06
N ARG C 248 -14.20 -10.67 -17.94
CA ARG C 248 -13.77 -11.34 -16.72
C ARG C 248 -14.80 -12.31 -16.17
N ARG C 249 -16.02 -12.35 -16.74
CA ARG C 249 -17.07 -13.25 -16.28
C ARG C 249 -17.45 -14.28 -17.33
N LEU C 250 -16.72 -14.35 -18.44
CA LEU C 250 -16.95 -15.41 -19.42
C LEU C 250 -16.51 -16.75 -18.83
N PRO C 251 -17.33 -17.79 -18.92
CA PRO C 251 -16.87 -19.11 -18.49
C PRO C 251 -15.72 -19.59 -19.36
N GLN C 252 -14.95 -20.54 -18.85
CA GLN C 252 -13.83 -21.02 -19.63
C GLN C 252 -14.19 -22.20 -20.51
N ASP C 253 -15.35 -22.82 -20.28
CA ASP C 253 -15.75 -24.02 -21.02
C ASP C 253 -16.66 -23.73 -22.21
N GLN C 254 -17.12 -22.48 -22.39
CA GLN C 254 -18.15 -22.19 -23.37
C GLN C 254 -17.79 -20.95 -24.19
N SER C 255 -18.03 -21.03 -25.50
CA SER C 255 -17.84 -19.91 -26.40
C SER C 255 -19.07 -19.02 -26.45
N TYR C 256 -18.85 -17.71 -26.45
CA TYR C 256 -19.90 -16.72 -26.72
C TYR C 256 -19.33 -15.79 -27.78
N PRO C 257 -19.51 -16.12 -29.07
CA PRO C 257 -18.73 -15.44 -30.11
C PRO C 257 -19.08 -13.97 -30.30
N PHE C 258 -20.37 -13.62 -30.26
CA PHE C 258 -20.75 -12.22 -30.40
C PHE C 258 -20.23 -11.39 -29.24
N SER C 259 -20.30 -11.93 -28.03
CA SER C 259 -19.81 -11.23 -26.84
C SER C 259 -18.32 -10.99 -26.95
N THR C 260 -17.57 -12.04 -27.31
CA THR C 260 -16.12 -11.94 -27.48
C THR C 260 -15.75 -10.99 -28.63
N LEU C 261 -16.54 -11.01 -29.72
CA LEU C 261 -16.27 -10.09 -30.83
C LEU C 261 -16.48 -8.64 -30.41
N ALA C 262 -17.50 -8.39 -29.57
CA ALA C 262 -17.72 -7.03 -29.08
C ALA C 262 -16.56 -6.56 -28.21
N MET C 263 -16.03 -7.46 -27.37
CA MET C 263 -14.87 -7.11 -26.54
C MET C 263 -13.65 -6.78 -27.39
N THR C 264 -13.35 -7.63 -28.37
CA THR C 264 -12.21 -7.40 -29.26
C THR C 264 -12.40 -6.12 -30.09
N THR C 265 -13.58 -5.96 -30.69
CA THR C 265 -13.83 -4.83 -31.59
C THR C 265 -13.65 -3.51 -30.87
N PHE C 266 -14.34 -3.30 -29.74
CA PHE C 266 -14.28 -2.00 -29.10
C PHE C 266 -12.92 -1.75 -28.44
N ASP C 267 -12.18 -2.82 -28.11
CA ASP C 267 -10.78 -2.65 -27.72
C ASP C 267 -9.95 -2.09 -28.87
N THR C 268 -10.08 -2.70 -30.05
CA THR C 268 -9.41 -2.18 -31.24
C THR C 268 -9.80 -0.73 -31.49
N VAL C 269 -11.10 -0.41 -31.42
CA VAL C 269 -11.54 0.97 -31.65
C VAL C 269 -10.91 1.91 -30.62
N ARG C 270 -10.92 1.51 -29.35
CA ARG C 270 -10.32 2.36 -28.31
C ARG C 270 -8.84 2.61 -28.59
N GLN C 271 -8.09 1.55 -28.91
CA GLN C 271 -6.66 1.71 -29.14
C GLN C 271 -6.38 2.59 -30.35
N ALA C 272 -7.19 2.47 -31.41
CA ALA C 272 -6.98 3.30 -32.60
C ALA C 272 -7.49 4.73 -32.44
N CYS C 273 -8.49 4.96 -31.59
CA CYS C 273 -9.19 6.24 -31.55
C CYS C 273 -9.06 7.01 -30.26
N GLY C 274 -8.72 6.36 -29.15
CA GLY C 274 -8.41 7.09 -27.93
C GLY C 274 -9.45 6.86 -26.84
N GLU C 275 -8.99 6.95 -25.59
CA GLU C 275 -9.84 6.63 -24.44
C GLU C 275 -11.06 7.55 -24.36
N GLU C 276 -10.90 8.83 -24.71
CA GLU C 276 -11.99 9.77 -24.52
C GLU C 276 -12.80 10.02 -25.79
N SER C 277 -12.50 9.35 -26.90
CA SER C 277 -13.28 9.48 -28.12
C SER C 277 -14.60 8.71 -28.02
N ASP C 278 -15.51 9.00 -28.94
CA ASP C 278 -16.86 8.47 -28.81
C ASP C 278 -16.91 6.96 -29.04
N GLN C 279 -17.79 6.29 -28.29
CA GLN C 279 -18.05 4.87 -28.54
C GLN C 279 -18.44 4.63 -30.00
N CYS C 280 -19.09 5.60 -30.64
CA CYS C 280 -19.49 5.41 -32.03
C CYS C 280 -18.35 5.54 -33.02
N GLN C 281 -17.11 5.73 -32.54
CA GLN C 281 -15.97 5.81 -33.44
C GLN C 281 -15.69 4.52 -34.18
N TYR C 282 -16.44 3.44 -33.90
CA TYR C 282 -16.41 2.29 -34.79
C TYR C 282 -16.75 2.70 -36.22
N PHE C 283 -17.54 3.76 -36.39
CA PHE C 283 -17.82 4.30 -37.73
C PHE C 283 -16.53 4.61 -38.47
N SER C 284 -15.57 5.26 -37.80
CA SER C 284 -14.36 5.65 -38.49
C SER C 284 -13.45 4.46 -38.75
N VAL C 285 -13.42 3.47 -37.85
CA VAL C 285 -12.61 2.28 -38.08
C VAL C 285 -13.07 1.53 -39.33
N LEU C 286 -14.38 1.45 -39.56
CA LEU C 286 -14.89 0.73 -40.73
C LEU C 286 -14.58 1.41 -42.07
N VAL D 4 -62.76 -7.20 -53.70
CA VAL D 4 -62.16 -8.52 -53.54
C VAL D 4 -60.64 -8.48 -53.72
N VAL D 5 -59.93 -9.07 -52.76
CA VAL D 5 -58.48 -9.12 -52.75
C VAL D 5 -58.02 -10.57 -52.80
N GLY D 6 -56.96 -10.83 -53.56
CA GLY D 6 -56.35 -12.15 -53.61
C GLY D 6 -55.13 -12.21 -52.72
N PHE D 7 -54.80 -13.42 -52.25
CA PHE D 7 -53.64 -13.61 -51.38
C PHE D 7 -52.98 -14.95 -51.70
N ILE D 8 -51.71 -14.90 -52.09
CA ILE D 8 -50.92 -16.08 -52.44
C ILE D 8 -49.83 -16.26 -51.39
N GLY D 9 -49.78 -17.47 -50.80
CA GLY D 9 -48.78 -17.80 -49.81
C GLY D 9 -49.36 -17.74 -48.42
N LEU D 10 -49.72 -18.91 -47.88
CA LEU D 10 -50.37 -18.97 -46.58
C LEU D 10 -49.44 -19.61 -45.56
N GLY D 11 -48.19 -19.17 -45.54
CA GLY D 11 -47.26 -19.56 -44.50
C GLY D 11 -47.59 -18.82 -43.22
N ARG D 12 -46.58 -18.77 -42.33
CA ARG D 12 -46.80 -18.15 -41.03
C ARG D 12 -47.24 -16.70 -41.18
N MET D 13 -46.51 -15.94 -41.98
CA MET D 13 -46.83 -14.52 -42.12
C MET D 13 -48.06 -14.32 -43.00
N GLY D 14 -48.18 -15.09 -44.09
CA GLY D 14 -49.34 -14.94 -44.96
C GLY D 14 -50.64 -15.23 -44.24
N GLN D 15 -50.69 -16.33 -43.48
CA GLN D 15 -51.89 -16.64 -42.68
C GLN D 15 -52.25 -15.49 -41.75
N ALA D 16 -51.26 -14.91 -41.08
CA ALA D 16 -51.53 -13.84 -40.11
C ALA D 16 -52.05 -12.58 -40.80
N ILE D 17 -51.44 -12.20 -41.93
CA ILE D 17 -51.94 -11.02 -42.64
C ILE D 17 -53.34 -11.29 -43.18
N CYS D 18 -53.59 -12.51 -43.67
CA CYS D 18 -54.92 -12.89 -44.14
C CYS D 18 -55.96 -12.78 -43.02
N ARG D 19 -55.63 -13.27 -41.82
CA ARG D 19 -56.56 -13.16 -40.71
C ARG D 19 -56.91 -11.72 -40.42
N ARG D 20 -55.91 -10.84 -40.49
CA ARG D 20 -56.15 -9.42 -40.22
C ARG D 20 -57.05 -8.82 -41.30
N LEU D 21 -56.86 -9.23 -42.56
CA LEU D 21 -57.69 -8.71 -43.64
C LEU D 21 -59.14 -9.19 -43.50
N LEU D 22 -59.33 -10.47 -43.16
CA LEU D 22 -60.68 -10.96 -42.92
C LEU D 22 -61.33 -10.23 -41.75
N ALA D 23 -60.56 -9.92 -40.72
CA ALA D 23 -61.12 -9.28 -39.52
C ALA D 23 -61.68 -7.89 -39.82
N SER D 24 -61.24 -7.26 -40.90
CA SER D 24 -61.76 -5.98 -41.36
C SER D 24 -62.85 -6.14 -42.40
N GLN D 25 -63.25 -7.39 -42.68
CA GLN D 25 -64.36 -7.73 -43.55
C GLN D 25 -64.06 -7.48 -45.03
N MET D 26 -62.79 -7.50 -45.41
CA MET D 26 -62.51 -7.57 -46.85
C MET D 26 -62.87 -8.94 -47.38
N PRO D 27 -63.38 -9.03 -48.60
CA PRO D 27 -63.42 -10.34 -49.28
C PRO D 27 -62.00 -10.74 -49.66
N VAL D 28 -61.57 -11.91 -49.18
CA VAL D 28 -60.22 -12.39 -49.47
C VAL D 28 -60.34 -13.76 -50.13
N HIS D 29 -59.78 -13.91 -51.33
CA HIS D 29 -59.61 -15.21 -51.96
C HIS D 29 -58.15 -15.61 -51.81
N VAL D 30 -57.92 -16.86 -51.43
CA VAL D 30 -56.60 -17.27 -50.98
C VAL D 30 -56.14 -18.46 -51.81
N HIS D 31 -54.81 -18.54 -52.01
CA HIS D 31 -54.20 -19.68 -52.67
C HIS D 31 -52.88 -20.02 -51.99
N ASN D 32 -52.62 -21.32 -51.87
CA ASN D 32 -51.35 -21.82 -51.35
C ASN D 32 -51.04 -23.14 -52.03
N ARG D 33 -49.74 -23.42 -52.15
CA ARG D 33 -49.31 -24.71 -52.70
C ARG D 33 -49.80 -25.87 -51.84
N SER D 34 -49.77 -25.72 -50.52
CA SER D 34 -50.26 -26.71 -49.57
C SER D 34 -51.64 -26.25 -49.10
N ARG D 35 -52.70 -26.91 -49.61
CA ARG D 35 -54.03 -26.36 -49.42
C ARG D 35 -54.50 -26.44 -47.96
N GLU D 36 -53.95 -27.35 -47.15
CA GLU D 36 -54.41 -27.46 -45.76
C GLU D 36 -54.15 -26.20 -44.96
N LYS D 37 -53.20 -25.35 -45.38
CA LYS D 37 -52.99 -24.09 -44.69
C LYS D 37 -54.06 -23.05 -44.99
N ALA D 38 -54.96 -23.32 -45.92
CA ALA D 38 -56.12 -22.45 -46.11
C ALA D 38 -57.32 -22.84 -45.24
N ASP D 39 -57.31 -24.03 -44.63
CA ASP D 39 -58.54 -24.56 -44.04
C ASP D 39 -59.10 -23.64 -42.95
N ASP D 40 -58.25 -23.18 -42.04
CA ASP D 40 -58.69 -22.25 -41.00
C ASP D 40 -59.18 -20.94 -41.60
N LEU D 41 -58.47 -20.41 -42.60
CA LEU D 41 -58.90 -19.16 -43.22
C LEU D 41 -60.25 -19.32 -43.91
N ILE D 42 -60.47 -20.45 -44.57
CA ILE D 42 -61.77 -20.70 -45.20
C ILE D 42 -62.87 -20.77 -44.14
N ARG D 43 -62.63 -21.50 -43.05
CA ARG D 43 -63.60 -21.53 -41.95
C ARG D 43 -63.92 -20.13 -41.47
N GLN D 44 -62.98 -19.19 -41.59
CA GLN D 44 -63.16 -17.81 -41.16
C GLN D 44 -63.58 -16.87 -42.31
N GLY D 45 -64.07 -17.41 -43.43
CA GLY D 45 -64.62 -16.59 -44.49
C GLY D 45 -63.78 -16.47 -45.76
N ALA D 46 -62.53 -16.92 -45.77
CA ALA D 46 -61.77 -16.85 -47.01
C ALA D 46 -62.34 -17.79 -48.06
N VAL D 47 -62.13 -17.45 -49.33
CA VAL D 47 -62.58 -18.27 -50.46
C VAL D 47 -61.37 -18.92 -51.11
N TRP D 48 -61.39 -20.25 -51.21
CA TRP D 48 -60.32 -20.98 -51.83
C TRP D 48 -60.26 -20.71 -53.33
N ALA D 49 -59.05 -20.41 -53.82
CA ALA D 49 -58.78 -20.36 -55.25
C ALA D 49 -57.84 -21.52 -55.60
N PRO D 50 -58.27 -22.51 -56.38
CA PRO D 50 -57.38 -23.65 -56.66
C PRO D 50 -56.21 -23.29 -57.54
N ASP D 51 -56.26 -22.12 -58.15
CA ASP D 51 -55.47 -21.76 -59.33
C ASP D 51 -55.10 -20.29 -59.23
N ILE D 52 -53.93 -19.94 -59.76
CA ILE D 52 -53.61 -18.53 -59.94
C ILE D 52 -54.58 -17.89 -60.95
N VAL D 53 -54.92 -18.62 -62.02
CA VAL D 53 -55.88 -18.10 -62.98
C VAL D 53 -57.21 -17.85 -62.28
N ALA D 54 -57.67 -18.82 -61.47
CA ALA D 54 -58.90 -18.64 -60.72
C ALA D 54 -58.81 -17.41 -59.83
N LEU D 55 -57.64 -17.18 -59.23
CA LEU D 55 -57.47 -16.04 -58.35
C LEU D 55 -57.55 -14.74 -59.13
N THR D 56 -56.79 -14.64 -60.21
CA THR D 56 -56.82 -13.42 -61.01
C THR D 56 -58.20 -13.15 -61.60
N ARG D 57 -59.04 -14.18 -61.77
CA ARG D 57 -60.37 -13.91 -62.30
C ARG D 57 -61.21 -13.12 -61.32
N ALA D 58 -61.01 -13.32 -60.02
CA ALA D 58 -61.82 -12.65 -59.02
C ALA D 58 -61.22 -11.35 -58.50
N ALA D 59 -59.91 -11.16 -58.56
CA ALA D 59 -59.29 -10.08 -57.81
C ALA D 59 -58.43 -9.23 -58.73
N ARG D 60 -58.59 -7.91 -58.62
CA ARG D 60 -57.76 -6.95 -59.34
C ARG D 60 -56.50 -6.59 -58.58
N VAL D 61 -56.49 -6.79 -57.26
CA VAL D 61 -55.34 -6.59 -56.40
C VAL D 61 -55.02 -7.90 -55.71
N LEU D 62 -53.76 -8.33 -55.74
CA LEU D 62 -53.31 -9.53 -55.05
C LEU D 62 -52.14 -9.23 -54.14
N PHE D 63 -52.07 -9.95 -53.02
CA PHE D 63 -50.89 -9.97 -52.17
C PHE D 63 -50.15 -11.28 -52.37
N VAL D 64 -48.82 -11.22 -52.34
CA VAL D 64 -47.96 -12.40 -52.38
C VAL D 64 -47.11 -12.39 -51.11
N CYS D 65 -47.06 -13.53 -50.41
CA CYS D 65 -46.22 -13.63 -49.22
C CYS D 65 -45.61 -15.05 -49.16
N THR D 66 -44.51 -15.24 -49.86
CA THR D 66 -43.84 -16.55 -49.97
C THR D 66 -42.39 -16.41 -49.50
N ALA D 67 -41.70 -17.56 -49.45
CA ALA D 67 -40.30 -17.63 -49.02
C ALA D 67 -39.47 -18.31 -50.09
N GLY D 68 -38.44 -17.62 -50.57
CA GLY D 68 -37.44 -18.22 -51.42
C GLY D 68 -37.63 -17.88 -52.89
N SER D 69 -36.56 -18.05 -53.65
CA SER D 69 -36.57 -17.62 -55.05
C SER D 69 -37.38 -18.57 -55.92
N GLU D 70 -37.41 -19.86 -55.59
CA GLU D 70 -38.19 -20.80 -56.41
C GLU D 70 -39.67 -20.45 -56.40
N ALA D 71 -40.17 -19.96 -55.26
CA ALA D 71 -41.54 -19.46 -55.22
C ALA D 71 -41.74 -18.28 -56.15
N VAL D 72 -40.73 -17.41 -56.28
CA VAL D 72 -40.81 -16.32 -57.23
C VAL D 72 -40.95 -16.88 -58.64
N GLN D 73 -40.02 -17.76 -59.02
CA GLN D 73 -40.05 -18.35 -60.35
C GLN D 73 -41.39 -19.02 -60.63
N ASP D 74 -41.85 -19.89 -59.72
CA ASP D 74 -43.07 -20.65 -59.95
C ASP D 74 -44.28 -19.73 -60.07
N PHE D 75 -44.49 -18.83 -59.11
CA PHE D 75 -45.73 -18.06 -59.12
C PHE D 75 -45.73 -16.94 -60.15
N TYR D 76 -44.56 -16.39 -60.49
CA TYR D 76 -44.56 -15.26 -61.40
C TYR D 76 -44.35 -15.66 -62.85
N HIS D 77 -43.45 -16.61 -63.10
CA HIS D 77 -42.98 -16.87 -64.45
C HIS D 77 -43.50 -18.15 -65.07
N ALA D 78 -44.24 -18.98 -64.33
CA ALA D 78 -44.79 -20.20 -64.91
C ALA D 78 -45.54 -19.89 -66.20
N PRO D 79 -45.17 -20.49 -67.33
CA PRO D 79 -45.87 -20.20 -68.58
C PRO D 79 -47.36 -20.51 -68.47
N ASP D 80 -48.18 -19.59 -68.99
CA ASP D 80 -49.63 -19.75 -69.15
C ASP D 80 -50.38 -19.76 -67.82
N ARG D 81 -49.75 -20.26 -66.76
CA ARG D 81 -50.41 -20.37 -65.46
C ARG D 81 -49.93 -19.36 -64.43
N GLY D 82 -48.75 -18.77 -64.62
CA GLY D 82 -48.18 -17.87 -63.65
C GLY D 82 -48.87 -16.52 -63.62
N LEU D 83 -48.46 -15.73 -62.63
CA LEU D 83 -49.02 -14.40 -62.40
C LEU D 83 -48.89 -13.53 -63.65
N LEU D 84 -47.67 -13.45 -64.21
CA LEU D 84 -47.45 -12.58 -65.37
C LEU D 84 -48.32 -12.98 -66.56
N ALA D 85 -48.64 -14.26 -66.69
CA ALA D 85 -49.49 -14.70 -67.79
C ALA D 85 -50.96 -14.39 -67.55
N CYS D 86 -51.38 -14.22 -66.31
CA CYS D 86 -52.79 -14.01 -65.98
C CYS D 86 -53.13 -12.55 -65.72
N LEU D 87 -52.14 -11.68 -65.62
CA LEU D 87 -52.39 -10.29 -65.31
C LEU D 87 -53.20 -9.62 -66.39
N GLU D 88 -54.05 -8.69 -65.99
CA GLU D 88 -54.73 -7.76 -66.88
C GLU D 88 -54.15 -6.36 -66.69
N VAL D 89 -54.45 -5.48 -67.64
CA VAL D 89 -54.00 -4.10 -67.54
C VAL D 89 -54.67 -3.44 -66.33
N GLY D 90 -53.85 -2.75 -65.51
CA GLY D 90 -54.35 -2.11 -64.32
C GLY D 90 -54.29 -2.94 -63.04
N ASP D 91 -53.92 -4.21 -63.13
CA ASP D 91 -53.83 -5.02 -61.93
C ASP D 91 -52.63 -4.59 -61.08
N ILE D 92 -52.74 -4.81 -59.77
CA ILE D 92 -51.67 -4.48 -58.84
C ILE D 92 -51.33 -5.74 -58.03
N VAL D 93 -50.05 -6.10 -57.99
CA VAL D 93 -49.55 -7.15 -57.09
C VAL D 93 -48.70 -6.51 -56.01
N VAL D 94 -49.01 -6.81 -54.76
CA VAL D 94 -48.30 -6.28 -53.59
C VAL D 94 -47.50 -7.45 -53.01
N ASP D 95 -46.19 -7.47 -53.27
CA ASP D 95 -45.36 -8.59 -52.84
C ASP D 95 -44.79 -8.28 -51.46
N LEU D 96 -45.30 -9.00 -50.45
CA LEU D 96 -44.88 -8.83 -49.07
C LEU D 96 -43.68 -9.68 -48.70
N SER D 97 -43.09 -10.39 -49.66
CA SER D 97 -41.96 -11.26 -49.44
C SER D 97 -40.65 -10.47 -49.35
N THR D 98 -39.66 -11.07 -48.72
CA THR D 98 -38.30 -10.53 -48.72
C THR D 98 -37.51 -11.29 -49.79
N ILE D 99 -37.13 -10.57 -50.86
CA ILE D 99 -36.49 -11.16 -52.02
C ILE D 99 -35.28 -10.29 -52.38
N ALA D 100 -34.48 -10.78 -53.33
CA ALA D 100 -33.31 -10.01 -53.74
C ALA D 100 -33.75 -8.71 -54.40
N PRO D 101 -33.02 -7.60 -54.19
CA PRO D 101 -33.40 -6.36 -54.87
C PRO D 101 -33.41 -6.48 -56.38
N GLU D 102 -32.43 -7.16 -56.98
CA GLU D 102 -32.44 -7.30 -58.44
C GLU D 102 -33.63 -8.13 -58.89
N THR D 103 -34.09 -9.08 -58.09
CA THR D 103 -35.33 -9.77 -58.45
C THR D 103 -36.51 -8.80 -58.43
N ALA D 104 -36.59 -7.94 -57.41
CA ALA D 104 -37.71 -7.02 -57.34
C ALA D 104 -37.68 -6.03 -58.51
N GLU D 105 -36.48 -5.57 -58.90
CA GLU D 105 -36.39 -4.65 -60.03
C GLU D 105 -36.85 -5.31 -61.31
N GLY D 106 -36.51 -6.57 -61.51
CA GLY D 106 -36.97 -7.29 -62.69
C GLY D 106 -38.48 -7.39 -62.74
N LEU D 107 -39.11 -7.62 -61.58
CA LEU D 107 -40.57 -7.74 -61.53
C LEU D 107 -41.25 -6.39 -61.78
N HIS D 108 -40.69 -5.30 -61.27
CA HIS D 108 -41.21 -3.97 -61.60
C HIS D 108 -41.29 -3.78 -63.11
N ALA D 109 -40.19 -4.10 -63.81
CA ALA D 109 -40.15 -3.95 -65.26
C ALA D 109 -41.10 -4.91 -65.94
N ALA D 110 -41.06 -6.19 -65.55
CA ALA D 110 -41.93 -7.17 -66.19
C ALA D 110 -43.40 -6.77 -66.04
N PHE D 111 -43.78 -6.26 -64.88
CA PHE D 111 -45.16 -5.80 -64.70
C PHE D 111 -45.47 -4.58 -65.56
N ALA D 112 -44.54 -3.64 -65.64
CA ALA D 112 -44.81 -2.42 -66.42
C ALA D 112 -45.03 -2.74 -67.89
N GLN D 113 -44.29 -3.72 -68.42
CA GLN D 113 -44.45 -4.14 -69.81
C GLN D 113 -45.86 -4.60 -70.13
N GLN D 114 -46.63 -5.02 -69.13
CA GLN D 114 -47.98 -5.52 -69.31
C GLN D 114 -49.05 -4.53 -68.89
N GLY D 115 -48.66 -3.29 -68.60
CA GLY D 115 -49.62 -2.33 -68.05
C GLY D 115 -50.11 -2.68 -66.66
N ALA D 116 -49.34 -3.45 -65.90
CA ALA D 116 -49.67 -3.75 -64.52
C ALA D 116 -48.64 -3.09 -63.59
N ASP D 117 -48.90 -3.16 -62.29
CA ASP D 117 -48.02 -2.58 -61.30
C ASP D 117 -47.55 -3.62 -60.29
N TYR D 118 -46.24 -3.72 -60.13
CA TYR D 118 -45.64 -4.44 -59.02
C TYR D 118 -45.41 -3.46 -57.89
N ILE D 119 -45.88 -3.81 -56.70
CA ILE D 119 -45.60 -3.05 -55.49
C ILE D 119 -44.70 -3.92 -54.62
N GLU D 120 -43.46 -3.48 -54.45
CA GLU D 120 -42.48 -4.17 -53.62
C GLU D 120 -42.70 -3.73 -52.18
N CYS D 121 -43.18 -4.64 -51.32
CA CYS D 121 -43.70 -4.27 -49.99
C CYS D 121 -43.24 -5.22 -48.89
N PRO D 122 -41.93 -5.33 -48.65
CA PRO D 122 -41.48 -6.13 -47.49
C PRO D 122 -41.95 -5.50 -46.18
N VAL D 123 -42.16 -6.36 -45.17
CA VAL D 123 -42.79 -5.94 -43.92
C VAL D 123 -41.97 -6.39 -42.72
N SER D 124 -42.24 -5.77 -41.57
CA SER D 124 -41.53 -6.13 -40.34
C SER D 124 -42.46 -5.98 -39.15
N GLY D 125 -42.34 -6.90 -38.19
CA GLY D 125 -43.21 -6.91 -37.03
C GLY D 125 -43.68 -8.29 -36.63
N GLY D 126 -43.36 -9.30 -37.43
CA GLY D 126 -43.71 -10.67 -37.12
C GLY D 126 -45.18 -11.05 -37.26
N VAL D 127 -45.49 -12.34 -37.06
CA VAL D 127 -46.88 -12.80 -36.96
C VAL D 127 -47.62 -11.99 -35.91
N GLU D 128 -46.94 -11.66 -34.81
CA GLU D 128 -47.55 -10.89 -33.72
C GLU D 128 -48.03 -9.53 -34.22
N GLY D 129 -47.16 -8.79 -34.89
CA GLY D 129 -47.58 -7.49 -35.42
C GLY D 129 -48.65 -7.62 -36.50
N ALA D 130 -48.54 -8.66 -37.33
CA ALA D 130 -49.56 -8.87 -38.36
C ALA D 130 -50.96 -9.01 -37.74
N LEU D 131 -51.09 -9.78 -36.66
CA LEU D 131 -52.42 -9.98 -36.08
C LEU D 131 -52.94 -8.72 -35.38
N ALA D 132 -52.05 -7.93 -34.80
CA ALA D 132 -52.43 -6.65 -34.20
C ALA D 132 -52.57 -5.55 -35.23
N GLY D 133 -52.23 -5.80 -36.48
CA GLY D 133 -52.34 -4.79 -37.51
C GLY D 133 -51.36 -3.65 -37.42
N ILE D 134 -50.18 -3.88 -36.82
CA ILE D 134 -49.21 -2.81 -36.60
C ILE D 134 -47.88 -3.09 -37.28
N LEU D 135 -47.89 -3.88 -38.37
CA LEU D 135 -46.65 -4.12 -39.10
C LEU D 135 -46.10 -2.81 -39.65
N SER D 136 -44.78 -2.77 -39.81
CA SER D 136 -44.11 -1.74 -40.59
C SER D 136 -43.91 -2.26 -42.00
N ALA D 137 -44.24 -1.45 -43.00
CA ALA D 137 -43.96 -1.77 -44.39
C ALA D 137 -42.92 -0.81 -44.96
N ILE D 138 -42.17 -1.31 -45.93
CA ILE D 138 -41.26 -0.50 -46.73
C ILE D 138 -41.68 -0.75 -48.17
N VAL D 139 -41.94 0.32 -48.92
CA VAL D 139 -42.70 0.20 -50.15
C VAL D 139 -41.97 0.90 -51.29
N SER D 140 -41.73 0.16 -52.36
CA SER D 140 -41.17 0.70 -53.59
C SER D 140 -42.13 0.44 -54.75
N GLY D 141 -42.20 1.38 -55.67
CA GLY D 141 -43.05 1.27 -56.83
C GLY D 141 -43.59 2.63 -57.22
N ARG D 142 -44.50 2.62 -58.21
CA ARG D 142 -44.98 3.89 -58.77
C ARG D 142 -46.11 4.47 -57.92
N PRO D 143 -46.18 5.81 -57.83
CA PRO D 143 -47.01 6.43 -56.78
C PRO D 143 -48.50 6.27 -57.00
N GLU D 144 -48.96 6.13 -58.23
CA GLU D 144 -50.40 5.99 -58.42
C GLU D 144 -50.88 4.63 -57.89
N ALA D 145 -50.17 3.56 -58.24
CA ALA D 145 -50.51 2.25 -57.70
C ALA D 145 -50.34 2.20 -56.20
N TYR D 146 -49.27 2.80 -55.68
CA TYR D 146 -49.09 2.88 -54.23
C TYR D 146 -50.27 3.55 -53.56
N GLY D 147 -50.72 4.69 -54.10
CA GLY D 147 -51.87 5.37 -53.53
C GLY D 147 -53.13 4.53 -53.54
N LEU D 148 -53.27 3.63 -54.53
CA LEU D 148 -54.47 2.80 -54.60
C LEU D 148 -54.47 1.70 -53.55
N ILE D 149 -53.31 1.09 -53.28
CA ILE D 149 -53.27 0.00 -52.30
C ILE D 149 -52.95 0.51 -50.90
N ARG D 150 -52.53 1.76 -50.77
CA ARG D 150 -52.21 2.33 -49.46
C ARG D 150 -53.31 2.08 -48.42
N PRO D 151 -54.60 2.29 -48.69
CA PRO D 151 -55.61 1.97 -47.67
C PRO D 151 -55.67 0.50 -47.31
N LEU D 152 -55.31 -0.40 -48.24
CA LEU D 152 -55.23 -1.82 -47.91
C LEU D 152 -54.12 -2.09 -46.89
N LEU D 153 -52.93 -1.53 -47.14
CA LEU D 153 -51.83 -1.67 -46.19
C LEU D 153 -52.24 -1.18 -44.80
N GLU D 154 -53.02 -0.10 -44.74
CA GLU D 154 -53.43 0.47 -43.46
C GLU D 154 -54.18 -0.54 -42.59
N VAL D 155 -54.80 -1.55 -43.20
CA VAL D 155 -55.52 -2.57 -42.43
C VAL D 155 -54.58 -3.37 -41.54
N PHE D 156 -53.35 -3.62 -41.99
CA PHE D 156 -52.44 -4.44 -41.22
C PHE D 156 -51.10 -3.77 -40.92
N CYS D 157 -50.91 -2.52 -41.31
CA CYS D 157 -49.67 -1.79 -41.04
C CYS D 157 -49.94 -0.56 -40.17
N ALA D 158 -49.01 -0.28 -39.26
CA ALA D 158 -49.03 0.98 -38.55
C ALA D 158 -48.14 2.01 -39.23
N THR D 159 -46.92 1.61 -39.64
CA THR D 159 -45.99 2.50 -40.32
C THR D 159 -45.71 1.97 -41.74
N VAL D 160 -45.74 2.89 -42.71
CA VAL D 160 -45.40 2.60 -44.10
C VAL D 160 -44.38 3.62 -44.57
N THR D 161 -43.19 3.15 -44.93
CA THR D 161 -42.14 4.01 -45.49
C THR D 161 -42.11 3.83 -47.00
N TYR D 162 -42.38 4.92 -47.73
CA TYR D 162 -42.43 4.88 -49.20
C TYR D 162 -41.08 5.31 -49.76
N VAL D 163 -40.37 4.38 -50.39
CA VAL D 163 -39.12 4.67 -51.07
C VAL D 163 -39.26 4.19 -52.52
N PRO D 164 -39.70 5.06 -53.44
CA PRO D 164 -40.26 4.56 -54.71
C PRO D 164 -39.28 3.83 -55.62
N GLU D 165 -37.97 4.12 -55.53
CA GLU D 165 -37.01 3.48 -56.41
C GLU D 165 -37.11 1.96 -56.33
N PRO D 166 -37.28 1.26 -57.45
CA PRO D 166 -37.36 -0.22 -57.42
C PRO D 166 -36.13 -0.85 -56.78
N GLY D 167 -36.37 -1.86 -55.96
CA GLY D 167 -35.29 -2.53 -55.24
C GLY D 167 -34.90 -1.88 -53.93
N LYS D 168 -35.31 -0.64 -53.69
CA LYS D 168 -34.84 0.09 -52.51
C LYS D 168 -35.42 -0.48 -51.22
N ALA D 169 -36.72 -0.79 -51.24
CA ALA D 169 -37.36 -1.35 -50.05
C ALA D 169 -36.71 -2.68 -49.65
N GLN D 170 -36.41 -3.53 -50.63
CA GLN D 170 -35.73 -4.78 -50.31
C GLN D 170 -34.33 -4.53 -49.77
N ARG D 171 -33.61 -3.56 -50.34
CA ARG D 171 -32.29 -3.21 -49.82
C ARG D 171 -32.37 -2.85 -48.35
N LEU D 172 -33.36 -2.05 -47.99
CA LEU D 172 -33.52 -1.63 -46.60
C LEU D 172 -33.98 -2.79 -45.72
N LYS D 173 -34.90 -3.62 -46.21
CA LYS D 173 -35.39 -4.72 -45.41
C LYS D 173 -34.27 -5.70 -45.10
N ILE D 174 -33.42 -5.99 -46.10
CA ILE D 174 -32.33 -6.94 -45.90
C ILE D 174 -31.36 -6.44 -44.83
N LEU D 175 -31.08 -5.13 -44.84
CA LEU D 175 -30.21 -4.55 -43.83
C LEU D 175 -30.89 -4.53 -42.45
N ASN D 176 -32.17 -4.17 -42.40
CA ASN D 176 -32.91 -4.25 -41.15
C ASN D 176 -32.78 -5.63 -40.53
N ASN D 177 -32.93 -6.67 -41.36
CA ASN D 177 -32.93 -8.03 -40.87
C ASN D 177 -31.53 -8.48 -40.47
N LEU D 178 -30.49 -7.94 -41.11
CA LEU D 178 -29.13 -8.17 -40.63
C LEU D 178 -28.96 -7.66 -39.21
N ALA D 179 -29.46 -6.45 -38.94
CA ALA D 179 -29.42 -5.93 -37.57
C ALA D 179 -30.21 -6.82 -36.62
N GLU D 180 -31.38 -7.30 -37.06
CA GLU D 180 -32.18 -8.22 -36.23
C GLU D 180 -31.38 -9.44 -35.87
N SER D 181 -30.65 -9.98 -36.84
CA SER D 181 -29.92 -11.21 -36.60
C SER D 181 -28.81 -10.99 -35.59
N ILE D 182 -28.10 -9.87 -35.70
CA ILE D 182 -27.03 -9.57 -34.76
C ILE D 182 -27.59 -9.38 -33.35
N ASN D 183 -28.67 -8.59 -33.25
CA ASN D 183 -29.31 -8.36 -31.95
C ASN D 183 -29.79 -9.65 -31.32
N LEU D 184 -30.46 -10.50 -32.11
CA LEU D 184 -30.98 -11.76 -31.62
C LEU D 184 -29.86 -12.65 -31.07
N ALA D 185 -28.80 -12.82 -31.86
CA ALA D 185 -27.70 -13.67 -31.42
C ALA D 185 -27.05 -13.11 -30.16
N GLY D 186 -26.87 -11.79 -30.11
CA GLY D 186 -26.31 -11.18 -28.91
C GLY D 186 -27.25 -11.29 -27.72
N ALA D 187 -28.55 -11.12 -27.95
CA ALA D 187 -29.50 -11.21 -26.83
C ALA D 187 -29.52 -12.62 -26.27
N ILE D 188 -29.41 -13.63 -27.14
CA ILE D 188 -29.42 -15.01 -26.67
C ILE D 188 -28.14 -15.33 -25.89
N GLU D 189 -26.99 -14.83 -26.37
CA GLU D 189 -25.74 -15.01 -25.63
C GLU D 189 -25.81 -14.34 -24.26
N VAL D 190 -26.41 -13.16 -24.19
CA VAL D 190 -26.49 -12.44 -22.94
C VAL D 190 -27.41 -13.15 -21.96
N ILE D 191 -28.60 -13.55 -22.42
CA ILE D 191 -29.52 -14.28 -21.53
C ILE D 191 -28.91 -15.60 -21.06
N SER D 192 -28.20 -16.30 -21.96
CA SER D 192 -27.56 -17.56 -21.59
C SER D 192 -26.50 -17.34 -20.53
N GLN D 193 -25.67 -16.31 -20.69
CA GLN D 193 -24.68 -16.00 -19.68
C GLN D 193 -25.33 -15.67 -18.36
N GLY D 194 -26.43 -14.88 -18.40
CA GLY D 194 -27.11 -14.51 -17.17
C GLY D 194 -27.60 -15.72 -16.39
N LEU D 195 -28.29 -16.63 -17.08
CA LEU D 195 -28.74 -17.87 -16.44
C LEU D 195 -27.57 -18.66 -15.86
N SER D 196 -26.48 -18.78 -16.63
CA SER D 196 -25.29 -19.49 -16.13
C SER D 196 -24.72 -18.83 -14.89
N GLN D 197 -24.89 -17.51 -14.76
CA GLN D 197 -24.37 -16.75 -13.64
C GLN D 197 -25.35 -16.66 -12.48
N GLY D 198 -26.45 -17.42 -12.51
CA GLY D 198 -27.39 -17.43 -11.41
C GLY D 198 -28.50 -16.42 -11.47
N LEU D 199 -28.57 -15.62 -12.53
CA LEU D 199 -29.61 -14.61 -12.59
C LEU D 199 -30.93 -15.24 -12.99
N ASP D 200 -32.02 -14.75 -12.40
CA ASP D 200 -33.35 -15.23 -12.74
C ASP D 200 -33.87 -14.53 -13.99
N LEU D 201 -34.67 -15.26 -14.77
CA LEU D 201 -35.22 -14.71 -16.00
C LEU D 201 -36.03 -13.45 -15.75
N LYS D 202 -36.83 -13.43 -14.69
CA LYS D 202 -37.68 -12.26 -14.46
C LYS D 202 -36.84 -11.00 -14.27
N SER D 203 -35.73 -11.10 -13.53
CA SER D 203 -34.86 -9.94 -13.34
C SER D 203 -34.21 -9.51 -14.65
N MET D 204 -33.73 -10.47 -15.44
CA MET D 204 -33.13 -10.13 -16.73
C MET D 204 -34.17 -9.46 -17.65
N ALA D 205 -35.41 -9.93 -17.62
CA ALA D 205 -36.46 -9.32 -18.44
C ALA D 205 -36.79 -7.90 -17.96
N ASP D 206 -36.84 -7.69 -16.64
CA ASP D 206 -37.05 -6.34 -16.12
C ASP D 206 -35.95 -5.39 -16.60
N VAL D 207 -34.70 -5.82 -16.51
CA VAL D 207 -33.58 -4.95 -16.87
C VAL D 207 -33.47 -4.81 -18.38
N PHE D 208 -33.49 -5.93 -19.11
CA PHE D 208 -33.20 -5.86 -20.55
C PHE D 208 -34.33 -5.24 -21.36
N THR D 209 -35.47 -4.92 -20.74
CA THR D 209 -36.52 -4.19 -21.43
C THR D 209 -36.60 -2.72 -21.03
N SER D 210 -35.96 -2.33 -19.93
CA SER D 210 -35.99 -0.94 -19.46
C SER D 210 -34.69 -0.20 -19.74
N CYS D 211 -33.56 -0.89 -19.61
CA CYS D 211 -32.24 -0.34 -19.87
C CYS D 211 -31.94 -0.37 -21.36
N ARG D 212 -30.85 0.28 -21.76
CA ARG D 212 -30.61 0.53 -23.18
C ARG D 212 -29.97 -0.64 -23.92
N GLY D 213 -29.85 -1.81 -23.29
CA GLY D 213 -29.61 -3.01 -24.07
C GLY D 213 -30.83 -3.54 -24.78
N ARG D 214 -31.96 -2.86 -24.62
CA ARG D 214 -33.22 -3.29 -25.19
C ARG D 214 -33.22 -3.18 -26.71
N SER D 215 -33.96 -4.09 -27.33
CA SER D 215 -34.17 -4.11 -28.77
C SER D 215 -35.41 -4.94 -29.04
N ALA D 216 -35.97 -4.75 -30.23
CA ALA D 216 -37.10 -5.58 -30.64
C ALA D 216 -36.78 -7.06 -30.54
N TYR D 217 -35.56 -7.46 -30.87
CA TYR D 217 -35.22 -8.87 -30.86
C TYR D 217 -34.68 -9.36 -29.52
N MET D 218 -34.29 -8.47 -28.61
CA MET D 218 -34.18 -8.87 -27.22
C MET D 218 -35.55 -9.27 -26.66
N ASP D 219 -36.60 -8.51 -27.01
CA ASP D 219 -37.96 -8.90 -26.61
C ASP D 219 -38.30 -10.27 -27.16
N VAL D 220 -37.91 -10.55 -28.41
CA VAL D 220 -38.16 -11.86 -29.02
C VAL D 220 -37.44 -12.96 -28.25
N ALA D 221 -36.18 -12.72 -27.92
CA ALA D 221 -35.38 -13.69 -27.18
C ALA D 221 -35.96 -13.94 -25.78
N LEU D 222 -36.32 -12.87 -25.07
CA LEU D 222 -36.90 -13.00 -23.74
C LEU D 222 -38.23 -13.74 -23.79
N GLY D 223 -39.09 -13.37 -24.74
CA GLY D 223 -40.38 -14.04 -24.86
C GLY D 223 -40.22 -15.52 -25.11
N TYR D 224 -39.22 -15.88 -25.91
CA TYR D 224 -38.87 -17.28 -26.12
C TYR D 224 -38.51 -17.94 -24.80
N ALA D 225 -37.57 -17.34 -24.06
CA ALA D 225 -37.14 -17.89 -22.78
C ALA D 225 -38.26 -17.86 -21.74
N LEU D 226 -39.01 -16.76 -21.65
CA LEU D 226 -40.06 -16.66 -20.62
C LEU D 226 -41.20 -17.64 -20.84
N SER D 227 -41.44 -18.04 -22.09
CA SER D 227 -42.55 -18.95 -22.38
C SER D 227 -42.13 -20.41 -22.43
N GLY D 228 -40.85 -20.72 -22.20
CA GLY D 228 -40.41 -22.08 -22.36
C GLY D 228 -40.27 -22.55 -23.79
N GLY D 229 -40.08 -21.63 -24.74
CA GLY D 229 -39.81 -21.99 -26.12
C GLY D 229 -40.99 -21.94 -27.06
N ALA D 230 -42.06 -21.22 -26.70
CA ALA D 230 -43.12 -20.95 -27.63
C ALA D 230 -42.55 -20.29 -28.88
N SER D 231 -43.08 -20.70 -30.04
CA SER D 231 -42.50 -20.30 -31.31
C SER D 231 -42.46 -18.79 -31.47
N SER D 232 -41.38 -18.29 -32.07
CA SER D 232 -41.32 -16.90 -32.49
C SER D 232 -41.84 -16.72 -33.91
N ASN D 233 -42.30 -17.82 -34.53
CA ASN D 233 -42.90 -17.82 -35.85
C ASN D 233 -41.97 -17.26 -36.93
N VAL D 234 -40.65 -17.32 -36.70
CA VAL D 234 -39.65 -17.16 -37.76
C VAL D 234 -38.78 -18.40 -37.78
N SER D 235 -38.81 -19.12 -38.89
CA SER D 235 -38.00 -20.32 -39.04
C SER D 235 -36.56 -19.96 -39.38
N LEU D 236 -35.67 -20.94 -39.17
CA LEU D 236 -34.28 -20.76 -39.57
C LEU D 236 -34.14 -20.70 -41.09
N GLY D 237 -35.02 -21.39 -41.82
CA GLY D 237 -35.03 -21.24 -43.26
C GLY D 237 -35.25 -19.80 -43.69
N VAL D 238 -36.21 -19.12 -43.06
CA VAL D 238 -36.51 -17.74 -43.42
C VAL D 238 -35.39 -16.81 -42.97
N ARG D 239 -34.94 -16.96 -41.72
CA ARG D 239 -33.83 -16.17 -41.21
C ARG D 239 -32.60 -16.32 -42.09
N CYS D 240 -32.25 -17.56 -42.45
CA CYS D 240 -31.04 -17.81 -43.25
C CYS D 240 -31.20 -17.36 -44.70
N LYS D 241 -32.42 -17.42 -45.24
CA LYS D 241 -32.68 -16.84 -46.56
C LYS D 241 -32.26 -15.37 -46.58
N ASP D 242 -32.78 -14.59 -45.62
CA ASP D 242 -32.47 -13.15 -45.57
C ASP D 242 -31.00 -12.89 -45.30
N LEU D 243 -30.37 -13.72 -44.45
CA LEU D 243 -28.94 -13.58 -44.19
C LEU D 243 -28.12 -13.84 -45.45
N GLU D 244 -28.54 -14.81 -46.25
CA GLU D 244 -27.83 -15.07 -47.50
C GLU D 244 -28.03 -13.94 -48.50
N LEU D 245 -29.22 -13.33 -48.53
CA LEU D 245 -29.40 -12.15 -49.37
C LEU D 245 -28.43 -11.04 -48.97
N ALA D 246 -28.15 -10.91 -47.68
CA ALA D 246 -27.24 -9.86 -47.23
C ALA D 246 -25.79 -10.25 -47.52
N ARG D 247 -25.47 -11.55 -47.39
CA ARG D 247 -24.13 -12.01 -47.71
C ARG D 247 -23.77 -11.73 -49.16
N ARG D 248 -24.73 -11.92 -50.07
CA ARG D 248 -24.50 -11.63 -51.48
C ARG D 248 -24.22 -10.15 -51.73
N ARG D 249 -24.60 -9.28 -50.80
CA ARG D 249 -24.41 -7.84 -50.98
C ARG D 249 -23.21 -7.31 -50.21
N LEU D 250 -22.42 -8.18 -49.59
CA LEU D 250 -21.21 -7.73 -48.89
C LEU D 250 -20.18 -7.22 -49.88
N PRO D 251 -19.53 -6.08 -49.63
CA PRO D 251 -18.45 -5.64 -50.52
C PRO D 251 -17.24 -6.55 -50.38
N GLN D 252 -16.29 -6.35 -51.29
CA GLN D 252 -15.05 -7.11 -51.26
C GLN D 252 -13.89 -6.34 -50.64
N ASP D 253 -14.07 -5.05 -50.32
CA ASP D 253 -12.98 -4.20 -49.84
C ASP D 253 -13.11 -3.83 -48.36
N GLN D 254 -14.09 -4.38 -47.65
CA GLN D 254 -14.27 -4.02 -46.25
C GLN D 254 -14.82 -5.21 -45.49
N SER D 255 -14.23 -5.50 -44.34
CA SER D 255 -14.73 -6.55 -43.47
C SER D 255 -15.83 -6.00 -42.57
N TYR D 256 -16.88 -6.78 -42.40
CA TYR D 256 -17.97 -6.46 -41.49
C TYR D 256 -18.13 -7.66 -40.56
N PRO D 257 -17.34 -7.71 -39.50
CA PRO D 257 -17.26 -8.95 -38.69
C PRO D 257 -18.56 -9.35 -38.03
N PHE D 258 -19.34 -8.40 -37.51
CA PHE D 258 -20.59 -8.80 -36.86
C PHE D 258 -21.56 -9.35 -37.89
N SER D 259 -21.60 -8.71 -39.07
CA SER D 259 -22.45 -9.17 -40.15
C SER D 259 -22.10 -10.58 -40.56
N THR D 260 -20.81 -10.83 -40.80
CA THR D 260 -20.37 -12.17 -41.23
C THR D 260 -20.60 -13.20 -40.14
N LEU D 261 -20.39 -12.81 -38.88
CA LEU D 261 -20.65 -13.73 -37.78
C LEU D 261 -22.12 -14.10 -37.69
N ALA D 262 -23.02 -13.14 -37.92
CA ALA D 262 -24.45 -13.45 -37.93
C ALA D 262 -24.79 -14.46 -39.02
N MET D 263 -24.23 -14.28 -40.22
CA MET D 263 -24.50 -15.18 -41.34
C MET D 263 -24.00 -16.59 -41.02
N THR D 264 -22.79 -16.69 -40.47
CA THR D 264 -22.20 -17.99 -40.16
C THR D 264 -22.94 -18.68 -39.02
N THR D 265 -23.29 -17.90 -37.98
CA THR D 265 -23.94 -18.48 -36.81
C THR D 265 -25.28 -19.11 -37.17
N PHE D 266 -26.15 -18.37 -37.85
CA PHE D 266 -27.48 -18.92 -38.10
C PHE D 266 -27.46 -20.01 -39.17
N ASP D 267 -26.48 -19.98 -40.08
CA ASP D 267 -26.28 -21.13 -40.95
C ASP D 267 -25.99 -22.37 -40.12
N THR D 268 -25.06 -22.27 -39.16
CA THR D 268 -24.74 -23.40 -38.30
C THR D 268 -25.95 -23.84 -37.48
N VAL D 269 -26.69 -22.88 -36.92
CA VAL D 269 -27.90 -23.24 -36.17
C VAL D 269 -28.90 -23.95 -37.08
N ARG D 270 -29.06 -23.46 -38.31
CA ARG D 270 -29.97 -24.10 -39.25
C ARG D 270 -29.53 -25.53 -39.53
N GLN D 271 -28.22 -25.76 -39.68
CA GLN D 271 -27.75 -27.10 -39.99
C GLN D 271 -27.87 -28.04 -38.82
N ALA D 272 -27.76 -27.53 -37.58
CA ALA D 272 -27.88 -28.36 -36.39
C ALA D 272 -29.33 -28.59 -35.97
N CYS D 273 -30.28 -27.77 -36.43
CA CYS D 273 -31.64 -27.84 -35.90
C CYS D 273 -32.72 -28.03 -36.96
N GLY D 274 -32.48 -27.70 -38.22
CA GLY D 274 -33.45 -27.93 -39.27
C GLY D 274 -34.09 -26.63 -39.75
N GLU D 275 -34.63 -26.71 -40.99
CA GLU D 275 -35.12 -25.53 -41.69
C GLU D 275 -36.31 -24.89 -40.98
N GLU D 276 -37.20 -25.71 -40.44
CA GLU D 276 -38.45 -25.22 -39.88
C GLU D 276 -38.38 -25.01 -38.37
N SER D 277 -37.22 -25.22 -37.75
CA SER D 277 -37.05 -24.93 -36.34
C SER D 277 -36.92 -23.43 -36.10
N ASP D 278 -37.20 -23.01 -34.86
CA ASP D 278 -37.26 -21.59 -34.54
C ASP D 278 -35.88 -20.94 -34.71
N GLN D 279 -35.89 -19.67 -35.13
CA GLN D 279 -34.66 -18.87 -35.14
C GLN D 279 -34.01 -18.83 -33.75
N CYS D 280 -34.83 -18.84 -32.69
CA CYS D 280 -34.28 -18.76 -31.35
C CYS D 280 -33.63 -20.04 -30.88
N GLN D 281 -33.55 -21.08 -31.72
CA GLN D 281 -32.85 -22.29 -31.32
C GLN D 281 -31.33 -22.10 -31.17
N TYR D 282 -30.79 -20.91 -31.47
CA TYR D 282 -29.42 -20.63 -31.07
C TYR D 282 -29.23 -20.89 -29.58
N PHE D 283 -30.28 -20.71 -28.78
CA PHE D 283 -30.24 -21.06 -27.35
C PHE D 283 -29.71 -22.46 -27.11
N SER D 284 -30.21 -23.44 -27.88
CA SER D 284 -29.80 -24.82 -27.61
C SER D 284 -28.43 -25.11 -28.21
N VAL D 285 -28.14 -24.58 -29.40
CA VAL D 285 -26.82 -24.76 -29.99
C VAL D 285 -25.75 -24.21 -29.06
N LEU D 286 -26.03 -23.06 -28.45
CA LEU D 286 -25.05 -22.39 -27.62
C LEU D 286 -24.65 -23.25 -26.44
N SER D 287 -25.62 -23.90 -25.79
CA SER D 287 -25.39 -24.65 -24.57
C SER D 287 -24.84 -26.05 -24.81
PA NAP E . 52.93 12.40 38.75
O1A NAP E . 53.87 11.76 37.80
O2A NAP E . 52.15 13.62 38.34
O5B NAP E . 53.71 12.73 40.17
C5B NAP E . 54.36 11.56 40.58
C4B NAP E . 54.80 11.79 42.04
O4B NAP E . 55.60 10.71 42.52
C3B NAP E . 55.61 13.12 42.15
O3B NAP E . 55.36 13.70 43.40
C2B NAP E . 57.05 12.59 42.14
O2B NAP E . 57.95 13.34 42.79
C1B NAP E . 56.81 11.29 43.00
N9A NAP E . 57.92 10.37 42.78
C8A NAP E . 58.16 9.49 41.71
N7A NAP E . 59.33 8.81 41.83
C5A NAP E . 59.88 9.31 43.03
C6A NAP E . 61.07 9.02 43.70
N6A NAP E . 61.96 8.10 43.21
N1A NAP E . 61.39 9.65 44.87
C2A NAP E . 60.48 10.56 45.32
N3A NAP E . 59.30 10.93 44.80
C4A NAP E . 59.01 10.28 43.62
O3 NAP E . 51.93 11.11 38.99
PN NAP E . 50.42 11.50 39.36
O1N NAP E . 50.31 12.48 40.44
O2N NAP E . 49.50 11.46 38.16
O5D NAP E . 49.90 10.03 40.13
C5D NAP E . 50.34 9.94 41.42
C4D NAP E . 49.65 8.73 42.02
O4D NAP E . 48.21 8.90 41.96
C3D NAP E . 50.00 7.44 41.16
O3D NAP E . 50.12 6.35 42.04
C2D NAP E . 48.78 7.29 40.29
O2D NAP E . 48.51 5.96 39.94
C1D NAP E . 47.66 7.79 41.26
N1N NAP E . 46.50 8.26 40.54
C2N NAP E . 46.59 9.29 39.56
C3N NAP E . 45.43 9.75 38.97
C7N NAP E . 45.49 10.83 37.97
O7N NAP E . 44.47 11.29 37.45
N7N NAP E . 46.70 11.38 37.62
C4N NAP E . 44.07 9.23 39.36
C5N NAP E . 44.11 8.17 40.37
C6N NAP E . 45.26 7.73 40.90
P2B NAP E . 58.69 14.71 41.79
O1X NAP E . 57.52 15.65 41.78
O2X NAP E . 59.91 15.11 42.63
O3X NAP E . 58.97 13.95 40.51
P1 7VD F . 41.53 7.75 37.28
C1 7VD F . 43.25 7.91 36.72
O2 7VD F . 41.18 6.39 37.83
O3 7VD F . 41.16 8.81 38.29
O4 7VD F . 40.82 8.00 35.98
C6 7VD F . 44.19 6.79 37.09
O7 7VD F . 44.08 6.20 38.16
C8 7VD F . 45.23 6.45 36.05
C1 PGE G . 42.64 15.11 18.59
O1 PGE G . 43.25 15.17 17.32
C2 PGE G . 43.21 16.24 19.43
O2 PGE G . 44.49 16.58 18.91
C3 PGE G . 45.09 17.69 19.54
C4 PGE G . 46.21 18.22 18.68
O4 PGE G . 44.52 21.52 16.72
C6 PGE G . 45.77 21.02 16.29
C5 PGE G . 46.43 20.23 17.41
O3 PGE G . 45.67 19.07 17.67
PA NAP H . 14.81 -9.12 17.95
O1A NAP H . 15.62 -10.20 17.34
O2A NAP H . 14.34 -9.21 19.37
O5B NAP H . 13.47 -8.81 17.00
C5B NAP H . 13.90 -8.74 15.66
C4B NAP H . 12.67 -8.29 14.87
O4B NAP H . 12.93 -8.33 13.47
C3B NAP H . 11.48 -9.26 15.19
O3B NAP H . 10.26 -8.55 15.26
C2B NAP H . 11.46 -10.14 13.92
O2B NAP H . 10.24 -10.66 13.58
C1B NAP H . 11.86 -9.04 12.88
N9A NAP H . 12.32 -9.60 11.64
C8A NAP H . 13.60 -10.10 11.34
N7A NAP H . 13.69 -10.56 10.09
C5A NAP H . 12.43 -10.33 9.54
C6A NAP H . 11.89 -10.60 8.26
N6A NAP H . 12.64 -11.16 7.26
N1A NAP H . 10.60 -10.32 7.97
C2A NAP H . 9.88 -9.75 9.01
N3A NAP H . 10.24 -9.43 10.26
C4A NAP H . 11.56 -9.75 10.50
O3 NAP H . 15.87 -7.86 17.73
PN NAP H . 15.72 -6.65 18.77
O1N NAP H . 14.33 -6.21 19.03
O2N NAP H . 16.76 -6.67 19.88
O5D NAP H . 16.38 -5.36 17.84
C5D NAP H . 15.49 -4.85 16.93
C4D NAP H . 16.20 -3.61 16.34
O4D NAP H . 16.51 -2.70 17.42
C3D NAP H . 17.60 -4.05 15.74
O3D NAP H . 17.89 -3.30 14.60
C2D NAP H . 18.58 -3.70 16.84
O2D NAP H . 19.84 -3.34 16.32
C1D NAP H . 17.89 -2.44 17.43
N1N NAP H . 18.31 -2.21 18.84
C2N NAP H . 18.18 -3.22 19.81
C3N NAP H . 18.34 -2.90 21.13
C7N NAP H . 18.18 -3.95 22.17
O7N NAP H . 17.71 -5.10 21.99
N7N NAP H . 18.56 -3.60 23.45
C4N NAP H . 18.62 -1.50 21.57
C5N NAP H . 18.96 -0.58 20.45
C6N NAP H . 18.80 -0.95 19.20
P2B NAP H . 9.77 -12.14 14.46
O1X NAP H . 9.30 -11.51 15.73
O2X NAP H . 8.71 -12.71 13.52
O3X NAP H . 11.08 -12.86 14.50
P1 7VD I . 21.80 -0.39 23.15
C1 7VD I . 21.55 -1.98 22.30
O2 7VD I . 22.52 0.62 22.29
O3 7VD I . 22.63 -0.84 24.33
O4 7VD I . 20.50 0.18 23.65
C6 7VD I . 21.95 -2.14 20.85
O7 7VD I . 21.84 -1.26 20.00
C8 7VD I . 22.49 -3.52 20.49
PA NAP J . -16.64 10.19 -17.30
O1A NAP J . -15.35 9.64 -17.81
O2A NAP J . -17.39 11.21 -18.10
O5B NAP J . -16.41 10.82 -15.77
C5B NAP J . -15.68 9.89 -15.01
C4B NAP J . -15.68 10.43 -13.55
O4B NAP J . -14.86 9.63 -12.70
C3B NAP J . -15.13 11.90 -13.54
O3B NAP J . -15.87 12.66 -12.62
C2B NAP J . -13.68 11.68 -13.02
O2B NAP J . -13.18 12.69 -12.30
C1B NAP J . -13.97 10.50 -12.05
N9A NAP J . -12.75 9.75 -11.76
C8A NAP J . -12.09 8.79 -12.53
N7A NAP J . -10.99 8.28 -11.93
C5A NAP J . -10.96 8.95 -10.69
C6A NAP J . -10.07 8.87 -9.61
N6A NAP J . -9.00 8.03 -9.62
N1A NAP J . -10.25 9.66 -8.50
C2A NAP J . -11.34 10.49 -8.54
N3A NAP J . -12.29 10.66 -9.50
C4A NAP J . -12.05 9.86 -10.58
O3 NAP J . -17.53 8.78 -17.17
PN NAP J . -19.13 8.98 -17.29
O1N NAP J . -19.58 10.12 -16.47
O2N NAP J . -19.69 8.71 -18.68
O5D NAP J . -19.85 7.67 -16.45
C5D NAP J . -19.40 7.59 -15.16
C4D NAP J . -20.00 6.30 -14.59
O4D NAP J . -21.36 6.17 -15.06
C3D NAP J . -19.22 5.06 -15.16
O3D NAP J . -19.21 4.05 -14.19
C2D NAP J . -20.07 4.63 -16.35
O2D NAP J . -19.98 3.28 -16.57
C1D NAP J . -21.50 4.97 -15.79
N1N NAP J . -22.54 5.22 -16.86
C2N NAP J . -22.34 6.16 -17.90
C3N NAP J . -23.34 6.37 -18.83
C7N NAP J . -23.15 7.38 -19.91
O7N NAP J . -24.06 7.69 -20.69
N7N NAP J . -21.92 8.03 -20.04
C4N NAP J . -24.64 5.63 -18.75
C5N NAP J . -24.76 4.70 -17.60
C6N NAP J . -23.76 4.52 -16.75
P2B NAP J . -12.49 14.02 -13.28
O1X NAP J . -13.78 14.70 -13.62
O2X NAP J . -11.56 14.74 -12.28
O3X NAP J . -11.83 13.23 -14.36
P1 7VD K . -26.26 3.51 -21.10
C1 7VD K . -24.49 3.91 -21.24
O2 7VD K . -27.03 4.54 -20.31
O3 7VD K . -26.42 2.14 -20.49
O4 7VD K . -26.73 3.59 -22.53
C6 7VD K . -23.51 3.07 -20.42
O7 7VD K . -23.81 2.50 -19.38
C8 7VD K . -22.12 2.99 -20.98
C1 PGE L . -20.86 9.47 -40.82
O1 PGE L . -20.05 8.32 -41.05
C2 PGE L . -20.57 9.99 -39.44
O2 PGE L . -19.55 10.98 -39.53
C3 PGE L . -19.01 11.31 -38.27
C4 PGE L . -18.06 12.46 -38.48
O4 PGE L . -18.37 14.98 -42.13
C6 PGE L . -17.45 13.94 -41.80
C5 PGE L . -17.35 13.83 -40.29
O3 PGE L . -17.85 12.57 -39.88
PA NAP M . -43.18 -19.95 -44.24
O1A NAP M . -42.06 -20.91 -44.40
O2A NAP M . -44.04 -19.97 -43.00
O5B NAP M . -44.19 -20.15 -45.55
C5B NAP M . -43.40 -19.97 -46.72
C4B NAP M . -44.42 -19.84 -47.89
O4B NAP M . -43.77 -19.85 -49.19
C3B NAP M . -45.48 -20.99 -47.85
O3B NAP M . -46.71 -20.47 -48.29
C2B NAP M . -44.95 -21.91 -48.96
O2B NAP M . -45.89 -22.64 -49.57
C1B NAP M . -44.47 -20.82 -49.96
N9A NAP M . -43.52 -21.44 -50.86
C8A NAP M . -42.16 -21.76 -50.62
N7A NAP M . -41.58 -22.38 -51.68
C5A NAP M . -42.61 -22.46 -52.63
C6A NAP M . -42.65 -22.98 -53.93
N6A NAP M . -41.51 -23.55 -54.49
N1A NAP M . -43.79 -22.95 -54.69
C2A NAP M . -44.90 -22.38 -54.08
N3A NAP M . -45.03 -21.84 -52.85
C4A NAP M . -43.83 -21.88 -52.13
O3 NAP M . -42.38 -18.53 -44.43
PN NAP M . -43.05 -17.25 -43.72
O1N NAP M . -44.49 -17.08 -44.01
O2N NAP M . -42.46 -16.96 -42.35
O5D NAP M . -42.31 -15.98 -44.58
C5D NAP M . -42.97 -15.71 -45.72
C4D NAP M . -42.36 -14.42 -46.26
O4D NAP M . -42.62 -13.35 -45.32
C3D NAP M . -40.81 -14.59 -46.35
O3D NAP M . -40.33 -13.91 -47.48
C2D NAP M . -40.31 -13.93 -45.09
O2D NAP M . -39.07 -13.35 -45.28
C1D NAP M . -41.39 -12.78 -44.94
N1N NAP M . -41.52 -12.33 -43.55
C2N NAP M . -41.84 -13.24 -42.50
C3N NAP M . -41.92 -12.77 -41.23
C7N NAP M . -42.25 -13.67 -40.10
O7N NAP M . -42.30 -13.25 -38.95
N7N NAP M . -42.53 -15.02 -40.32
C4N NAP M . -41.66 -11.33 -40.88
C5N NAP M . -41.48 -10.46 -42.05
C6N NAP M . -41.40 -10.95 -43.28
P2B NAP M . -46.37 -24.14 -48.68
O1X NAP M . -47.21 -23.48 -47.63
O2X NAP M . -47.12 -24.93 -49.76
O3X NAP M . -45.02 -24.66 -48.27
P1 7VD N . -39.44 -9.42 -38.74
C1 7VD N . -38.88 -11.08 -39.21
O2 7VD N . -38.69 -8.37 -39.51
O3 7VD N . -39.01 -9.44 -37.30
O4 7VD N . -40.93 -9.18 -38.85
C6 7VD N . -38.66 -11.31 -40.67
O7 7VD N . -38.52 -10.39 -41.47
C8 7VD N . -38.61 -12.74 -41.08
#